data_7W3R
#
_entry.id   7W3R
#
_cell.length_a   50.120
_cell.length_b   128.060
_cell.length_c   64.400
_cell.angle_alpha   90.000
_cell.angle_beta   93.490
_cell.angle_gamma   90.000
#
_symmetry.space_group_name_H-M   'P 1 21 1'
#
loop_
_entity.id
_entity.type
_entity.pdbx_description
1 polymer 'Ubiquitin carboxyl-terminal hydrolase 34'
2 non-polymer 'ZINC ION'
3 water water
#
_entity_poly.entity_id   1
_entity_poly.type   'polypeptide(L)'
_entity_poly.pdbx_seq_one_letter_code
;AECRFVGLTNLGATCYLASTIQQLYMIPEARQAVFTAKYSEDMKHKTTLLELQKMFTYLMESECKAYNPRPFCKTYTMDK
QPLNTGEQKDMTEFFTDLITKIEEMSPELKNTVKSLFGGVITNNVVSLDCEHVSQTAEEFYTVRCQVADMKNIYESLDEV
TIKDTLEGDNMYTCSHCGKKVRAEKRACFKKLPRILSFNTMRYTFNMVTMMKEKVNTHFSFPLRLDMTPYTEDFLMGKSE
RKEGFKEVSDHSKDSESYEYDLIGVTVHTGTADGGHYYSFIRDIVNPHAYKNNKWYLFNDAEVKPFDSAQLASECFGGEM
TTKTYDSVTDKFMDFSFEKTHSAYMLFYKRMEPEEENGREYKFDVSSELLEWIWHDNMQFLQDK
;
_entity_poly.pdbx_strand_id   A,B
#
# COMPACT_ATOMS: atom_id res chain seq x y z
N ARG A 4 -5.30 22.88 8.57
CA ARG A 4 -3.93 23.18 8.17
C ARG A 4 -3.71 22.87 6.68
N PHE A 5 -3.66 21.58 6.34
CA PHE A 5 -3.68 21.14 4.96
C PHE A 5 -4.64 19.96 4.83
N VAL A 6 -5.42 19.96 3.76
CA VAL A 6 -6.45 18.96 3.48
C VAL A 6 -5.88 17.87 2.58
N GLY A 7 -6.16 16.62 2.91
CA GLY A 7 -5.75 15.51 2.07
C GLY A 7 -6.72 15.24 0.95
N LEU A 8 -6.44 14.17 0.21
CA LEU A 8 -7.30 13.68 -0.86
C LEU A 8 -7.52 12.20 -0.67
N THR A 9 -8.79 11.82 -0.48
CA THR A 9 -9.15 10.43 -0.23
C THR A 9 -8.76 9.53 -1.39
N ASN A 10 -8.02 8.47 -1.08
CA ASN A 10 -7.74 7.44 -2.08
C ASN A 10 -9.03 6.70 -2.43
N LEU A 11 -9.39 6.71 -3.71
CA LEU A 11 -10.61 6.06 -4.20
C LEU A 11 -10.40 4.59 -4.51
N GLY A 12 -9.19 4.07 -4.29
CA GLY A 12 -8.81 2.73 -4.70
C GLY A 12 -7.32 2.65 -5.01
N ALA A 13 -6.92 3.18 -6.15
CA ALA A 13 -5.52 3.23 -6.55
C ALA A 13 -5.21 4.58 -7.18
N THR A 14 -5.61 5.65 -6.51
CA THR A 14 -5.47 7.00 -7.05
C THR A 14 -4.43 7.82 -6.29
N CYS A 15 -3.39 7.12 -5.81
CA CYS A 15 -2.18 7.76 -5.31
C CYS A 15 -1.66 8.81 -6.30
N TYR A 16 -1.54 8.42 -7.56
CA TYR A 16 -0.96 9.28 -8.59
C TYR A 16 -1.74 10.59 -8.76
N LEU A 17 -3.06 10.55 -8.54
CA LEU A 17 -3.87 11.76 -8.68
C LEU A 17 -3.61 12.72 -7.52
N ALA A 18 -3.60 12.19 -6.30
CA ALA A 18 -3.38 13.01 -5.12
C ALA A 18 -2.04 13.71 -5.16
N SER A 19 -0.96 12.98 -5.49
CA SER A 19 0.35 13.61 -5.67
C SER A 19 0.32 14.71 -6.73
N THR A 20 -0.35 14.47 -7.86
CA THR A 20 -0.43 15.49 -8.92
C THR A 20 -1.20 16.72 -8.47
N ILE A 21 -2.45 16.53 -8.00
CA ILE A 21 -3.30 17.67 -7.64
C ILE A 21 -2.67 18.45 -6.49
N GLN A 22 -2.07 17.77 -5.51
CA GLN A 22 -1.50 18.51 -4.39
C GLN A 22 -0.32 19.38 -4.83
N GLN A 23 0.56 18.86 -5.68
CA GLN A 23 1.68 19.70 -6.10
C GLN A 23 1.19 20.87 -6.94
N LEU A 24 0.20 20.64 -7.81
CA LEU A 24 -0.42 21.75 -8.55
C LEU A 24 -1.06 22.75 -7.60
N TYR A 25 -1.81 22.25 -6.62
CA TYR A 25 -2.47 23.13 -5.66
C TYR A 25 -1.47 23.99 -4.91
N MET A 26 -0.29 23.44 -4.58
CA MET A 26 0.72 24.16 -3.80
C MET A 26 1.59 25.07 -4.67
N ILE A 27 1.27 25.23 -5.94
CA ILE A 27 1.99 26.16 -6.80
C ILE A 27 1.08 27.36 -6.96
N PRO A 28 1.37 28.48 -6.30
CA PRO A 28 0.43 29.61 -6.26
C PRO A 28 -0.01 30.09 -7.63
N GLU A 29 0.94 30.22 -8.54
CA GLU A 29 0.63 30.65 -9.89
C GLU A 29 -0.40 29.72 -10.53
N ALA A 30 -0.29 28.41 -10.27
CA ALA A 30 -1.25 27.47 -10.85
C ALA A 30 -2.58 27.49 -10.10
N ARG A 31 -2.55 27.63 -8.78
CA ARG A 31 -3.79 27.65 -8.03
C ARG A 31 -4.64 28.84 -8.44
N GLN A 32 -4.00 30.00 -8.61
CA GLN A 32 -4.73 31.22 -8.95
C GLN A 32 -5.27 31.16 -10.39
N ALA A 33 -4.49 30.61 -11.32
CA ALA A 33 -4.96 30.51 -12.71
C ALA A 33 -6.18 29.59 -12.83
N VAL A 34 -6.28 28.58 -11.95
CA VAL A 34 -7.46 27.73 -11.98
C VAL A 34 -8.66 28.47 -11.44
N PHE A 35 -8.49 29.19 -10.31
CA PHE A 35 -9.60 29.89 -9.68
C PHE A 35 -10.19 30.98 -10.59
N THR A 36 -9.33 31.73 -11.27
CA THR A 36 -9.75 32.85 -12.10
C THR A 36 -9.91 32.46 -13.58
N ALA A 37 -10.04 31.18 -13.87
CA ALA A 37 -10.10 30.73 -15.25
C ALA A 37 -11.33 31.29 -15.93
N LYS A 38 -11.15 31.73 -17.16
CA LYS A 38 -12.27 32.26 -17.93
C LYS A 38 -12.98 31.09 -18.63
N TYR A 39 -14.28 30.95 -18.40
CA TYR A 39 -15.07 29.93 -19.08
C TYR A 39 -15.56 30.47 -20.43
N SER A 40 -15.70 29.56 -21.39
CA SER A 40 -16.30 29.89 -22.68
C SER A 40 -17.21 28.74 -23.09
N GLU A 41 -18.32 29.08 -23.75
CA GLU A 41 -19.40 28.11 -24.00
C GLU A 41 -18.90 26.86 -24.70
N ASP A 42 -17.98 26.99 -25.65
CA ASP A 42 -17.49 25.84 -26.41
C ASP A 42 -16.08 25.43 -26.02
N MET A 43 -15.76 25.45 -24.73
CA MET A 43 -14.42 25.06 -24.27
C MET A 43 -14.34 23.56 -24.06
N LYS A 44 -13.15 23.00 -24.24
CA LYS A 44 -13.02 21.56 -24.45
C LYS A 44 -13.03 20.72 -23.17
N HIS A 45 -12.75 21.28 -22.00
CA HIS A 45 -12.74 20.45 -20.79
C HIS A 45 -13.52 21.11 -19.66
N LYS A 46 -14.73 21.57 -19.98
CA LYS A 46 -15.46 22.49 -19.11
C LYS A 46 -15.75 21.88 -17.74
N THR A 47 -16.28 20.65 -17.70
CA THR A 47 -16.64 20.07 -16.41
C THR A 47 -15.42 19.75 -15.56
N THR A 48 -14.36 19.28 -16.20
CA THR A 48 -13.09 19.07 -15.50
C THR A 48 -12.60 20.36 -14.84
N LEU A 49 -12.71 21.47 -15.56
CA LEU A 49 -12.38 22.76 -14.97
C LEU A 49 -13.16 23.00 -13.69
N LEU A 50 -14.50 22.94 -13.76
CA LEU A 50 -15.30 23.21 -12.57
C LEU A 50 -14.91 22.28 -11.43
N GLU A 51 -14.73 21.00 -11.72
CA GLU A 51 -14.40 20.06 -10.65
C GLU A 51 -13.00 20.30 -10.11
N LEU A 52 -12.07 20.78 -10.93
CA LEU A 52 -10.75 21.16 -10.41
C LEU A 52 -10.85 22.42 -9.56
N GLN A 53 -11.69 23.38 -9.97
CA GLN A 53 -11.94 24.57 -9.16
C GLN A 53 -12.53 24.20 -7.81
N LYS A 54 -13.46 23.25 -7.79
CA LYS A 54 -14.06 22.83 -6.54
C LYS A 54 -13.05 22.12 -5.65
N MET A 55 -12.24 21.23 -6.25
CA MET A 55 -11.19 20.55 -5.49
C MET A 55 -10.26 21.55 -4.85
N PHE A 56 -9.75 22.50 -5.65
CA PHE A 56 -8.88 23.54 -5.12
C PHE A 56 -9.59 24.35 -4.06
N THR A 57 -10.85 24.72 -4.31
CA THR A 57 -11.62 25.47 -3.32
C THR A 57 -11.76 24.66 -2.03
N TYR A 58 -12.10 23.38 -2.14
CA TYR A 58 -12.22 22.53 -0.96
C TYR A 58 -10.90 22.42 -0.23
N LEU A 59 -9.79 22.22 -0.98
CA LEU A 59 -8.49 22.12 -0.32
C LEU A 59 -8.16 23.39 0.44
N MET A 60 -8.60 24.56 -0.07
CA MET A 60 -8.21 25.81 0.58
C MET A 60 -9.12 26.19 1.74
N GLU A 61 -10.41 25.85 1.67
CA GLU A 61 -11.39 26.38 2.60
C GLU A 61 -12.15 25.33 3.40
N SER A 62 -12.10 24.05 3.03
CA SER A 62 -12.85 23.04 3.77
C SER A 62 -12.29 22.88 5.18
N GLU A 63 -13.21 22.85 6.16
CA GLU A 63 -12.86 22.47 7.52
C GLU A 63 -12.65 20.98 7.69
N CYS A 64 -13.01 20.16 6.69
CA CYS A 64 -12.81 18.72 6.78
C CYS A 64 -11.33 18.38 6.70
N LYS A 65 -11.02 17.09 6.72
CA LYS A 65 -9.63 16.65 6.61
C LYS A 65 -9.26 16.09 5.25
N ALA A 66 -10.23 15.78 4.39
CA ALA A 66 -9.90 15.23 3.08
C ALA A 66 -11.04 15.48 2.11
N TYR A 67 -10.68 15.82 0.88
CA TYR A 67 -11.64 15.87 -0.20
C TYR A 67 -11.77 14.51 -0.86
N ASN A 68 -13.00 14.15 -1.20
CA ASN A 68 -13.29 12.95 -1.96
C ASN A 68 -13.28 13.32 -3.44
N PRO A 69 -12.22 12.99 -4.17
CA PRO A 69 -12.12 13.47 -5.56
C PRO A 69 -12.98 12.69 -6.54
N ARG A 70 -14.02 11.99 -6.06
CA ARG A 70 -14.85 11.21 -6.97
C ARG A 70 -15.51 12.03 -8.09
N PRO A 71 -16.14 13.20 -7.83
CA PRO A 71 -16.72 13.95 -8.96
C PRO A 71 -15.72 14.29 -10.04
N PHE A 72 -14.49 14.63 -9.66
CA PHE A 72 -13.46 14.96 -10.64
C PHE A 72 -13.09 13.75 -11.48
N CYS A 73 -12.95 12.58 -10.84
CA CYS A 73 -12.60 11.38 -11.61
C CYS A 73 -13.69 11.01 -12.60
N LYS A 74 -14.97 11.14 -12.21
CA LYS A 74 -16.09 10.75 -13.05
C LYS A 74 -16.28 11.67 -14.25
N THR A 75 -15.63 12.82 -14.28
CA THR A 75 -15.63 13.73 -15.42
C THR A 75 -14.34 13.65 -16.23
N TYR A 76 -13.39 12.85 -15.78
CA TYR A 76 -12.07 12.80 -16.39
C TYR A 76 -11.99 11.69 -17.43
N THR A 77 -11.47 12.03 -18.62
CA THR A 77 -11.23 11.06 -19.69
C THR A 77 -9.77 11.15 -20.11
N MET A 78 -9.09 10.00 -20.19
CA MET A 78 -7.67 9.96 -20.55
C MET A 78 -7.44 9.35 -21.92
N ASP A 79 -7.78 8.08 -22.13
CA ASP A 79 -7.66 7.47 -23.44
C ASP A 79 -8.94 6.71 -23.78
N LYS A 80 -9.17 5.58 -23.13
CA LYS A 80 -10.51 5.03 -23.09
C LYS A 80 -11.36 5.91 -22.19
N GLN A 81 -12.64 6.02 -22.54
CA GLN A 81 -13.46 7.14 -22.07
C GLN A 81 -13.44 7.41 -20.56
N PRO A 82 -13.50 6.42 -19.66
CA PRO A 82 -13.50 6.76 -18.24
C PRO A 82 -12.13 6.63 -17.58
N LEU A 83 -12.03 7.22 -16.39
CA LEU A 83 -10.82 7.14 -15.57
C LEU A 83 -11.09 6.13 -14.46
N ASN A 84 -10.46 4.97 -14.54
CA ASN A 84 -10.78 3.86 -13.65
C ASN A 84 -10.22 4.11 -12.24
N THR A 85 -11.09 3.96 -11.24
CA THR A 85 -10.78 4.23 -9.85
C THR A 85 -9.80 3.25 -9.23
N GLY A 86 -9.52 2.13 -9.89
CA GLY A 86 -8.76 1.07 -9.25
C GLY A 86 -7.50 0.64 -9.98
N GLU A 87 -7.08 1.43 -10.96
CA GLU A 87 -5.87 1.16 -11.73
C GLU A 87 -4.83 2.22 -11.43
N GLN A 88 -3.60 1.78 -11.14
CA GLN A 88 -2.51 2.68 -10.75
C GLN A 88 -1.85 3.25 -12.00
N LYS A 89 -2.30 4.42 -12.43
CA LYS A 89 -1.72 5.09 -13.59
C LYS A 89 -0.32 5.62 -13.28
N ASP A 90 0.48 5.74 -14.34
CA ASP A 90 1.77 6.40 -14.21
C ASP A 90 1.57 7.87 -13.83
N MET A 91 2.30 8.31 -12.80
CA MET A 91 2.09 9.68 -12.31
C MET A 91 2.53 10.71 -13.35
N THR A 92 3.70 10.51 -13.97
CA THR A 92 4.16 11.45 -15.00
C THR A 92 3.14 11.59 -16.11
N GLU A 93 2.61 10.46 -16.60
CA GLU A 93 1.59 10.52 -17.65
C GLU A 93 0.36 11.30 -17.21
N PHE A 94 -0.06 11.15 -15.95
CA PHE A 94 -1.26 11.85 -15.51
C PHE A 94 -1.00 13.34 -15.36
N PHE A 95 0.12 13.70 -14.72
CA PHE A 95 0.53 15.09 -14.66
C PHE A 95 0.54 15.74 -16.04
N THR A 96 1.19 15.08 -17.01
CA THR A 96 1.22 15.61 -18.39
C THR A 96 -0.18 15.68 -18.99
N ASP A 97 -1.01 14.68 -18.69
CA ASP A 97 -2.37 14.68 -19.25
C ASP A 97 -3.18 15.84 -18.72
N LEU A 98 -3.13 16.08 -17.40
CA LEU A 98 -3.88 17.18 -16.79
C LEU A 98 -3.40 18.52 -17.31
N ILE A 99 -2.08 18.74 -17.29
CA ILE A 99 -1.51 20.01 -17.70
C ILE A 99 -1.91 20.31 -19.14
N THR A 100 -1.90 19.29 -20.00
CA THR A 100 -2.30 19.46 -21.40
C THR A 100 -3.79 19.76 -21.53
N LYS A 101 -4.62 19.15 -20.68
CA LYS A 101 -6.04 19.52 -20.63
C LYS A 101 -6.20 20.99 -20.27
N ILE A 102 -5.49 21.44 -19.23
CA ILE A 102 -5.58 22.85 -18.83
C ILE A 102 -5.14 23.75 -19.98
N GLU A 103 -4.05 23.39 -20.65
CA GLU A 103 -3.59 24.13 -21.82
C GLU A 103 -4.67 24.22 -22.88
N GLU A 104 -5.43 23.15 -23.08
CA GLU A 104 -6.45 23.15 -24.11
C GLU A 104 -7.73 23.87 -23.70
N MET A 105 -7.85 24.31 -22.43
CA MET A 105 -9.10 24.93 -22.00
C MET A 105 -9.35 26.27 -22.69
N SER A 106 -8.32 27.06 -22.90
CA SER A 106 -8.49 28.43 -23.37
C SER A 106 -7.13 28.96 -23.82
N PRO A 107 -7.12 29.96 -24.69
CA PRO A 107 -5.85 30.63 -25.02
C PRO A 107 -5.15 31.18 -23.79
N GLU A 108 -5.92 31.74 -22.86
CA GLU A 108 -5.33 32.28 -21.64
C GLU A 108 -4.57 31.21 -20.86
N LEU A 109 -5.20 30.04 -20.68
CA LEU A 109 -4.61 28.98 -19.87
C LEU A 109 -3.45 28.34 -20.59
N LYS A 110 -3.56 28.16 -21.92
CA LYS A 110 -2.42 27.65 -22.68
C LYS A 110 -1.19 28.52 -22.46
N ASN A 111 -1.36 29.85 -22.52
CA ASN A 111 -0.23 30.75 -22.30
C ASN A 111 0.32 30.63 -20.88
N THR A 112 -0.57 30.57 -19.88
CA THR A 112 -0.09 30.44 -18.50
C THR A 112 0.66 29.13 -18.31
N VAL A 113 0.14 28.06 -18.88
CA VAL A 113 0.69 26.73 -18.65
C VAL A 113 2.04 26.56 -19.36
N LYS A 114 2.12 27.01 -20.63
CA LYS A 114 3.37 26.94 -21.38
C LYS A 114 4.47 27.74 -20.70
N SER A 115 4.13 28.85 -20.05
CA SER A 115 5.13 29.62 -19.34
C SER A 115 5.49 28.97 -18.00
N LEU A 116 4.49 28.43 -17.31
CA LEU A 116 4.71 27.93 -15.96
C LEU A 116 5.37 26.56 -15.95
N PHE A 117 4.92 25.64 -16.80
CA PHE A 117 5.42 24.28 -16.81
C PHE A 117 6.13 23.87 -18.10
N GLY A 118 6.04 24.66 -19.16
CA GLY A 118 6.51 24.26 -20.48
C GLY A 118 7.91 24.77 -20.80
N GLY A 119 8.64 23.97 -21.57
CA GLY A 119 9.97 24.33 -22.03
C GLY A 119 10.18 23.89 -23.46
N VAL A 120 11.35 24.23 -24.01
CA VAL A 120 11.67 23.85 -25.39
C VAL A 120 13.09 23.30 -25.42
N ILE A 121 13.21 22.09 -25.91
CA ILE A 121 14.46 21.42 -26.21
C ILE A 121 14.77 21.64 -27.70
N THR A 122 16.03 21.92 -28.03
CA THR A 122 16.48 21.95 -29.42
C THR A 122 17.37 20.75 -29.69
N ASN A 123 17.02 19.99 -30.72
CA ASN A 123 17.81 18.87 -31.20
C ASN A 123 18.63 19.38 -32.38
N ASN A 124 19.95 19.47 -32.20
CA ASN A 124 20.85 19.95 -33.24
C ASN A 124 21.64 18.79 -33.83
N VAL A 125 21.95 18.85 -35.12
CA VAL A 125 23.00 17.97 -35.63
C VAL A 125 23.96 18.82 -36.47
N VAL A 126 25.23 18.79 -36.10
CA VAL A 126 26.23 19.62 -36.76
C VAL A 126 27.12 18.69 -37.58
N SER A 127 27.15 18.87 -38.89
CA SER A 127 28.00 18.02 -39.73
C SER A 127 29.46 18.43 -39.55
N LEU A 128 30.33 17.43 -39.49
CA LEU A 128 31.77 17.65 -39.50
C LEU A 128 32.40 17.51 -40.88
N ASP A 129 31.60 17.22 -41.91
CA ASP A 129 32.16 17.03 -43.24
C ASP A 129 31.39 17.81 -44.30
N CYS A 130 30.50 18.70 -43.90
CA CYS A 130 29.91 19.69 -44.79
C CYS A 130 29.51 20.89 -43.93
N GLU A 131 28.98 21.91 -44.59
CA GLU A 131 28.60 23.13 -43.88
C GLU A 131 27.22 23.08 -43.24
N HIS A 132 26.43 22.04 -43.51
CA HIS A 132 25.01 22.12 -43.19
C HIS A 132 24.72 21.74 -41.75
N VAL A 133 23.68 22.38 -41.21
CA VAL A 133 23.20 22.08 -39.87
C VAL A 133 21.72 21.76 -40.00
N SER A 134 21.25 20.95 -39.07
CA SER A 134 19.84 20.67 -38.85
C SER A 134 19.54 21.01 -37.40
N GLN A 135 18.40 21.62 -37.18
CA GLN A 135 17.93 21.91 -35.83
C GLN A 135 16.42 21.85 -35.83
N THR A 136 15.86 21.11 -34.89
CA THR A 136 14.43 20.93 -34.71
C THR A 136 14.08 21.23 -33.25
N ALA A 137 12.85 21.73 -33.03
CA ALA A 137 12.41 22.06 -31.69
C ALA A 137 11.48 20.97 -31.16
N GLU A 138 11.53 20.81 -29.84
CA GLU A 138 10.74 19.78 -29.15
C GLU A 138 10.22 20.40 -27.87
N GLU A 139 8.91 20.51 -27.75
CA GLU A 139 8.35 21.06 -26.53
C GLU A 139 8.27 19.96 -25.48
N PHE A 140 8.28 20.38 -24.21
CA PHE A 140 8.11 19.40 -23.14
C PHE A 140 7.41 20.05 -21.96
N TYR A 141 6.82 19.19 -21.13
CA TYR A 141 6.37 19.58 -19.81
C TYR A 141 7.20 18.94 -18.70
N THR A 142 7.72 17.73 -18.91
CA THR A 142 8.61 17.09 -17.96
C THR A 142 9.88 16.64 -18.68
N VAL A 143 10.98 16.55 -17.93
CA VAL A 143 12.26 16.06 -18.45
C VAL A 143 12.49 14.68 -17.85
N ARG A 144 12.61 13.67 -18.71
CA ARG A 144 12.92 12.32 -18.25
C ARG A 144 14.40 12.17 -17.98
N CYS A 145 14.74 11.72 -16.77
CA CYS A 145 16.10 11.64 -16.29
C CYS A 145 16.40 10.19 -15.93
N GLN A 146 17.41 9.61 -16.58
CA GLN A 146 17.80 8.24 -16.27
C GLN A 146 18.46 8.21 -14.90
N VAL A 147 18.08 7.22 -14.09
CA VAL A 147 18.68 7.04 -12.76
C VAL A 147 19.70 5.91 -12.77
N ALA A 148 19.41 4.84 -13.50
CA ALA A 148 20.32 3.69 -13.53
C ALA A 148 21.71 4.12 -13.98
N ASP A 149 22.72 3.71 -13.21
CA ASP A 149 24.14 4.01 -13.46
C ASP A 149 24.48 5.49 -13.36
N MET A 150 23.60 6.32 -12.83
CA MET A 150 23.86 7.73 -12.59
C MET A 150 23.90 7.97 -11.09
N LYS A 151 24.73 8.91 -10.66
CA LYS A 151 24.89 9.18 -9.24
C LYS A 151 24.02 10.33 -8.74
N ASN A 152 23.61 11.23 -9.61
CA ASN A 152 22.88 12.41 -9.22
C ASN A 152 22.24 13.02 -10.48
N ILE A 153 21.43 14.05 -10.29
CA ILE A 153 20.68 14.61 -11.41
C ILE A 153 21.56 15.34 -12.43
N TYR A 154 22.72 15.86 -12.01
CA TYR A 154 23.65 16.45 -12.98
C TYR A 154 24.18 15.41 -13.95
N GLU A 155 24.55 14.23 -13.46
CA GLU A 155 24.95 13.16 -14.38
C GLU A 155 23.79 12.76 -15.29
N SER A 156 22.57 12.78 -14.77
CA SER A 156 21.41 12.52 -15.63
C SER A 156 21.29 13.57 -16.72
N LEU A 157 21.47 14.84 -16.37
CA LEU A 157 21.30 15.88 -17.38
C LEU A 157 22.48 15.90 -18.35
N ASP A 158 23.67 15.49 -17.89
CA ASP A 158 24.79 15.27 -18.80
C ASP A 158 24.45 14.22 -19.84
N GLU A 159 23.69 13.19 -19.44
CA GLU A 159 23.25 12.18 -20.39
C GLU A 159 22.13 12.69 -21.31
N VAL A 160 21.19 13.48 -20.80
CA VAL A 160 20.15 14.03 -21.68
C VAL A 160 20.79 14.94 -22.74
N THR A 161 21.84 15.65 -22.35
CA THR A 161 22.49 16.71 -23.11
C THR A 161 23.78 16.23 -23.79
N ILE A 162 23.98 14.91 -23.85
CA ILE A 162 25.24 14.32 -24.31
C ILE A 162 25.42 14.61 -25.79
N LYS A 163 26.64 14.98 -26.17
CA LYS A 163 26.98 15.20 -27.57
C LYS A 163 27.42 13.87 -28.15
N ASP A 164 26.59 13.25 -28.98
CA ASP A 164 27.00 12.01 -29.62
C ASP A 164 27.44 12.28 -31.05
N THR A 165 28.50 11.59 -31.45
CA THR A 165 29.05 11.75 -32.78
C THR A 165 28.70 10.51 -33.61
N LEU A 166 28.08 10.75 -34.78
CA LEU A 166 27.68 9.70 -35.69
C LEU A 166 28.84 9.44 -36.66
N GLU A 167 29.39 8.22 -36.62
CA GLU A 167 30.65 7.91 -37.26
C GLU A 167 30.57 6.54 -37.94
N GLY A 168 31.55 6.27 -38.79
CA GLY A 168 31.79 4.95 -39.31
C GLY A 168 30.55 4.27 -39.88
N ASP A 169 29.95 3.38 -39.10
CA ASP A 169 28.73 2.72 -39.53
C ASP A 169 27.50 3.58 -39.29
N ASN A 170 27.53 4.42 -38.25
CA ASN A 170 26.42 5.29 -37.91
C ASN A 170 26.49 6.65 -38.62
N MET A 171 27.06 6.70 -39.81
CA MET A 171 27.23 7.99 -40.47
C MET A 171 25.89 8.64 -40.77
N TYR A 172 25.80 9.94 -40.47
CA TYR A 172 24.63 10.74 -40.79
C TYR A 172 24.55 10.99 -42.29
N THR A 173 23.34 11.06 -42.81
CA THR A 173 23.14 11.52 -44.18
C THR A 173 22.59 12.93 -44.11
N CYS A 174 23.36 13.86 -44.63
CA CYS A 174 22.94 15.24 -44.72
C CYS A 174 21.86 15.34 -45.76
N SER A 175 20.73 15.96 -45.42
CA SER A 175 19.64 16.06 -46.38
C SER A 175 19.93 17.10 -47.46
N HIS A 176 20.81 18.05 -47.17
CA HIS A 176 21.13 19.13 -48.12
C HIS A 176 22.05 18.67 -49.25
N CYS A 177 23.19 18.07 -48.93
CA CYS A 177 24.06 17.64 -50.02
C CYS A 177 23.96 16.13 -50.30
N GLY A 178 23.13 15.42 -49.55
CA GLY A 178 22.89 14.01 -49.85
C GLY A 178 24.07 13.10 -49.56
N LYS A 179 25.13 13.63 -48.96
CA LYS A 179 26.36 12.90 -48.68
C LYS A 179 26.27 12.20 -47.32
N LYS A 180 27.05 11.14 -47.17
CA LYS A 180 27.26 10.56 -45.86
C LYS A 180 28.36 11.36 -45.16
N VAL A 181 28.10 11.75 -43.92
CA VAL A 181 28.95 12.66 -43.17
C VAL A 181 29.02 12.22 -41.71
N ARG A 182 30.18 12.41 -41.09
CA ARG A 182 30.22 12.44 -39.63
C ARG A 182 29.51 13.69 -39.14
N ALA A 183 28.79 13.55 -38.03
CA ALA A 183 28.04 14.66 -37.46
C ALA A 183 27.98 14.53 -35.94
N GLU A 184 27.75 15.66 -35.28
CA GLU A 184 27.63 15.71 -33.83
C GLU A 184 26.18 16.06 -33.53
N LYS A 185 25.50 15.19 -32.80
CA LYS A 185 24.09 15.35 -32.47
C LYS A 185 23.95 15.64 -30.98
N ARG A 186 23.15 16.65 -30.64
CA ARG A 186 23.09 17.06 -29.24
C ARG A 186 21.75 17.72 -28.94
N ALA A 187 21.20 17.40 -27.77
CA ALA A 187 20.01 18.04 -27.22
C ALA A 187 20.40 19.10 -26.22
N CYS A 188 19.72 20.24 -26.27
CA CYS A 188 20.00 21.37 -25.40
C CYS A 188 18.67 22.04 -25.07
N PHE A 189 18.64 22.74 -23.94
CA PHE A 189 17.44 23.41 -23.48
C PHE A 189 17.44 24.84 -24.04
N LYS A 190 16.48 25.12 -24.92
CA LYS A 190 16.34 26.47 -25.46
C LYS A 190 15.54 27.37 -24.53
N LYS A 191 14.44 26.86 -23.97
CA LYS A 191 13.61 27.62 -23.03
C LYS A 191 13.25 26.71 -21.86
N LEU A 192 13.35 27.26 -20.64
CA LEU A 192 13.03 26.47 -19.43
C LEU A 192 11.82 27.05 -18.72
N PRO A 193 10.94 26.20 -18.19
CA PRO A 193 9.74 26.72 -17.51
C PRO A 193 10.10 27.36 -16.18
N ARG A 194 9.10 28.03 -15.61
CA ARG A 194 9.24 28.57 -14.27
C ARG A 194 9.29 27.45 -13.23
N ILE A 195 8.47 26.42 -13.44
CA ILE A 195 8.43 25.21 -12.64
C ILE A 195 8.97 24.09 -13.53
N LEU A 196 10.18 23.65 -13.21
CA LEU A 196 10.86 22.59 -13.93
C LEU A 196 10.53 21.26 -13.25
N SER A 197 10.02 20.30 -14.02
CA SER A 197 9.66 19.00 -13.47
C SER A 197 10.52 17.93 -14.13
N PHE A 198 11.13 17.09 -13.30
CA PHE A 198 12.03 16.02 -13.70
C PHE A 198 11.40 14.71 -13.28
N ASN A 199 11.26 13.78 -14.21
CA ASN A 199 10.83 12.42 -13.87
C ASN A 199 12.10 11.57 -13.70
N THR A 200 12.43 11.28 -12.44
CA THR A 200 13.61 10.46 -12.13
C THR A 200 13.22 9.00 -12.35
N MET A 201 13.65 8.46 -13.48
CA MET A 201 13.11 7.23 -14.05
C MET A 201 13.98 6.06 -13.61
N ARG A 202 13.39 5.10 -12.91
CA ARG A 202 14.12 4.01 -12.28
C ARG A 202 13.81 2.65 -12.87
N TYR A 203 13.26 2.59 -14.07
CA TYR A 203 12.82 1.34 -14.67
C TYR A 203 13.72 0.93 -15.83
N THR A 204 14.17 -0.32 -15.83
CA THR A 204 14.87 -0.90 -16.97
C THR A 204 14.10 -2.10 -17.50
N PHE A 205 14.17 -2.29 -18.82
CA PHE A 205 13.55 -3.45 -19.47
C PHE A 205 14.53 -4.61 -19.40
N ASN A 206 14.27 -5.56 -18.51
CA ASN A 206 15.03 -6.80 -18.47
C ASN A 206 14.51 -7.67 -19.61
N MET A 207 15.23 -7.66 -20.74
CA MET A 207 14.84 -8.47 -21.90
C MET A 207 15.41 -9.88 -21.78
N VAL A 208 15.04 -10.52 -20.67
CA VAL A 208 15.23 -11.94 -20.42
C VAL A 208 13.96 -12.35 -19.68
N THR A 209 13.59 -11.55 -18.68
CA THR A 209 12.25 -11.66 -18.10
C THR A 209 11.19 -11.11 -19.03
N MET A 210 11.57 -10.22 -19.95
CA MET A 210 10.62 -9.43 -20.76
C MET A 210 9.69 -8.65 -19.84
N MET A 211 10.25 -8.06 -18.79
CA MET A 211 9.50 -7.27 -17.82
C MET A 211 10.31 -6.05 -17.43
N LYS A 212 9.64 -5.14 -16.74
CA LYS A 212 10.26 -3.92 -16.24
C LYS A 212 10.66 -4.13 -14.78
N GLU A 213 11.87 -3.70 -14.43
CA GLU A 213 12.38 -3.85 -13.08
C GLU A 213 12.80 -2.49 -12.53
N LYS A 214 12.58 -2.27 -11.24
CA LYS A 214 12.92 -1.01 -10.61
C LYS A 214 14.36 -1.01 -10.11
N VAL A 215 15.05 0.10 -10.35
CA VAL A 215 16.42 0.31 -9.91
C VAL A 215 16.37 1.08 -8.59
N ASN A 216 17.01 0.54 -7.54
CA ASN A 216 16.95 1.15 -6.20
C ASN A 216 18.30 1.68 -5.73
N THR A 217 19.21 1.94 -6.65
CA THR A 217 20.52 2.47 -6.27
C THR A 217 20.38 3.92 -5.79
N HIS A 218 21.45 4.44 -5.19
CA HIS A 218 21.51 5.82 -4.72
C HIS A 218 21.57 6.85 -5.87
N PHE A 219 20.79 7.92 -5.75
CA PHE A 219 20.70 8.99 -6.78
C PHE A 219 20.31 10.28 -6.07
N SER A 220 21.21 11.26 -6.03
CA SER A 220 20.99 12.46 -5.23
C SER A 220 20.53 13.60 -6.12
N PHE A 221 20.07 14.67 -5.48
CA PHE A 221 19.65 15.86 -6.21
C PHE A 221 19.72 17.01 -5.22
N PRO A 222 20.08 18.21 -5.65
CA PRO A 222 20.36 19.29 -4.70
C PRO A 222 19.12 20.13 -4.42
N LEU A 223 19.18 20.87 -3.32
CA LEU A 223 18.15 21.89 -3.05
C LEU A 223 18.27 23.07 -4.02
N ARG A 224 19.48 23.45 -4.42
CA ARG A 224 19.69 24.53 -5.38
C ARG A 224 20.32 23.97 -6.63
N LEU A 225 19.65 24.16 -7.77
CA LEU A 225 20.10 23.57 -9.03
C LEU A 225 20.43 24.68 -10.02
N ASP A 226 21.56 24.55 -10.71
CA ASP A 226 21.97 25.52 -11.74
C ASP A 226 21.84 24.85 -13.10
N MET A 227 20.90 25.34 -13.91
CA MET A 227 20.68 24.74 -15.21
C MET A 227 21.53 25.36 -16.31
N THR A 228 22.34 26.38 -16.00
CA THR A 228 23.19 27.03 -17.01
C THR A 228 23.96 26.06 -17.90
N PRO A 229 24.66 25.04 -17.38
CA PRO A 229 25.51 24.21 -18.26
C PRO A 229 24.74 23.35 -19.23
N TYR A 230 23.40 23.37 -19.20
CA TYR A 230 22.57 22.59 -20.10
C TYR A 230 21.79 23.47 -21.07
N THR A 231 22.04 24.77 -21.05
CA THR A 231 21.25 25.70 -21.85
C THR A 231 21.86 25.83 -23.24
N GLU A 232 21.03 26.31 -24.16
CA GLU A 232 21.45 26.47 -25.54
C GLU A 232 22.64 27.41 -25.66
N ASP A 233 22.54 28.60 -25.04
CA ASP A 233 23.65 29.54 -25.02
C ASP A 233 24.95 28.87 -24.58
N PHE A 234 24.90 28.17 -23.45
CA PHE A 234 26.13 27.60 -22.90
C PHE A 234 26.71 26.52 -23.80
N LEU A 235 25.85 25.64 -24.34
CA LEU A 235 26.34 24.51 -25.11
C LEU A 235 26.69 24.90 -26.55
N MET A 236 25.74 25.49 -27.27
CA MET A 236 25.98 25.93 -28.65
C MET A 236 25.87 27.45 -28.76
N GLU A 256 16.64 35.88 -17.99
CA GLU A 256 15.92 35.07 -17.01
C GLU A 256 16.85 34.07 -16.31
N SER A 257 16.65 33.91 -15.01
CA SER A 257 17.55 33.10 -14.20
C SER A 257 17.50 31.62 -14.58
N TYR A 258 18.64 30.95 -14.44
CA TYR A 258 18.75 29.51 -14.68
C TYR A 258 18.95 28.72 -13.41
N GLU A 259 18.85 29.38 -12.26
CA GLU A 259 18.99 28.75 -10.95
C GLU A 259 17.60 28.45 -10.40
N TYR A 260 17.46 27.28 -9.75
CA TYR A 260 16.18 26.77 -9.29
C TYR A 260 16.30 26.33 -7.84
N ASP A 261 15.17 26.37 -7.13
CA ASP A 261 15.05 25.85 -5.77
C ASP A 261 14.11 24.66 -5.78
N LEU A 262 14.45 23.62 -5.02
CA LEU A 262 13.58 22.47 -4.93
C LEU A 262 12.33 22.85 -4.14
N ILE A 263 11.16 22.50 -4.67
CA ILE A 263 9.91 22.83 -3.99
C ILE A 263 9.05 21.61 -3.79
N GLY A 264 9.37 20.48 -4.41
CA GLY A 264 8.58 19.29 -4.16
C GLY A 264 9.22 18.04 -4.70
N VAL A 265 8.88 16.92 -4.08
CA VAL A 265 9.31 15.60 -4.55
C VAL A 265 8.13 14.65 -4.45
N THR A 266 7.70 14.09 -5.58
CA THR A 266 6.82 12.93 -5.55
C THR A 266 7.67 11.69 -5.40
N VAL A 267 7.39 10.90 -4.37
CA VAL A 267 8.09 9.68 -4.08
C VAL A 267 7.25 8.50 -4.55
N HIS A 268 7.92 7.52 -5.14
CA HIS A 268 7.28 6.25 -5.48
C HIS A 268 7.91 5.17 -4.61
N THR A 269 7.09 4.30 -4.06
CA THR A 269 7.60 3.17 -3.32
C THR A 269 7.06 1.88 -3.90
N GLY A 270 7.86 0.83 -3.87
CA GLY A 270 7.43 -0.47 -4.36
C GLY A 270 7.84 -0.75 -5.78
N THR A 271 7.05 -1.57 -6.47
CA THR A 271 7.35 -1.92 -7.85
C THR A 271 6.48 -1.11 -8.80
N ALA A 272 6.77 -1.25 -10.10
CA ALA A 272 5.94 -0.63 -11.13
C ALA A 272 4.50 -1.10 -10.99
N ASP A 273 4.29 -2.40 -10.81
CA ASP A 273 2.97 -2.99 -10.65
C ASP A 273 2.27 -2.48 -9.40
N GLY A 274 2.71 -2.98 -8.24
CA GLY A 274 2.00 -2.73 -7.00
C GLY A 274 2.61 -1.66 -6.12
N GLY A 275 3.11 -0.58 -6.73
CA GLY A 275 3.67 0.52 -6.00
C GLY A 275 2.62 1.57 -5.64
N HIS A 276 3.09 2.62 -4.96
CA HIS A 276 2.25 3.69 -4.45
C HIS A 276 3.05 4.99 -4.46
N TYR A 277 2.34 6.12 -4.47
CA TYR A 277 2.96 7.44 -4.52
C TYR A 277 2.56 8.26 -3.30
N TYR A 278 3.45 9.13 -2.87
CA TYR A 278 3.13 10.15 -1.87
C TYR A 278 4.11 11.30 -2.08
N SER A 279 3.89 12.42 -1.40
CA SER A 279 4.61 13.64 -1.76
C SER A 279 5.16 14.41 -0.58
N PHE A 280 6.42 14.83 -0.70
CA PHE A 280 7.02 15.83 0.15
C PHE A 280 6.95 17.15 -0.59
N ILE A 281 6.28 18.15 -0.02
CA ILE A 281 6.05 19.42 -0.72
C ILE A 281 6.41 20.58 0.19
N ARG A 282 7.11 21.56 -0.37
CA ARG A 282 7.44 22.77 0.35
C ARG A 282 6.26 23.75 0.33
N ASP A 283 6.00 24.39 1.46
CA ASP A 283 5.00 25.44 1.52
C ASP A 283 5.63 26.72 1.02
N ILE A 284 5.33 27.06 -0.23
CA ILE A 284 5.81 28.29 -0.82
C ILE A 284 4.70 29.33 -0.93
N VAL A 285 3.53 29.04 -0.38
CA VAL A 285 2.40 29.98 -0.38
C VAL A 285 2.48 30.93 0.79
N ASN A 286 2.71 30.34 1.95
CA ASN A 286 2.80 31.00 3.24
C ASN A 286 4.21 31.56 3.42
N PRO A 287 4.40 32.90 3.46
CA PRO A 287 5.76 33.47 3.49
C PRO A 287 6.49 33.29 4.80
N HIS A 288 5.90 33.81 5.86
CA HIS A 288 6.59 33.74 7.14
C HIS A 288 6.81 32.31 7.55
N ALA A 289 6.36 31.35 6.71
CA ALA A 289 6.64 29.93 6.83
C ALA A 289 7.55 29.44 5.73
N TYR A 290 7.60 30.12 4.59
CA TYR A 290 8.58 29.79 3.56
C TYR A 290 9.98 30.17 3.99
N LYS A 291 10.12 31.25 4.77
CA LYS A 291 11.42 31.59 5.35
C LYS A 291 11.86 30.55 6.37
N ASN A 292 10.93 29.82 6.97
CA ASN A 292 11.26 28.76 7.92
C ASN A 292 11.40 27.40 7.25
N ASN A 293 11.39 27.35 5.92
CA ASN A 293 11.66 26.13 5.15
C ASN A 293 10.79 24.97 5.63
N LYS A 294 9.50 25.23 5.76
CA LYS A 294 8.57 24.21 6.24
C LYS A 294 8.06 23.38 5.07
N TRP A 295 8.11 22.07 5.24
CA TRP A 295 7.72 21.07 4.26
C TRP A 295 6.62 20.19 4.86
N TYR A 296 5.91 19.50 3.98
CA TYR A 296 4.82 18.67 4.44
C TYR A 296 4.79 17.38 3.65
N LEU A 297 4.36 16.32 4.31
CA LEU A 297 4.18 15.02 3.68
C LEU A 297 2.71 14.86 3.34
N PHE A 298 2.39 14.80 2.04
CA PHE A 298 1.03 14.64 1.55
C PHE A 298 0.89 13.18 1.15
N ASN A 299 0.11 12.40 1.92
CA ASN A 299 -0.06 10.97 1.65
C ASN A 299 -1.54 10.63 1.72
N ASP A 300 -2.23 10.77 0.58
CA ASP A 300 -3.69 10.56 0.44
C ASP A 300 -4.37 11.45 1.47
N ALA A 301 -5.22 10.93 2.35
CA ALA A 301 -5.98 11.77 3.26
C ALA A 301 -5.16 12.33 4.41
N GLU A 302 -3.92 11.87 4.59
CA GLU A 302 -3.06 12.26 5.69
C GLU A 302 -2.02 13.28 5.24
N VAL A 303 -1.97 14.44 5.90
CA VAL A 303 -0.98 15.48 5.67
C VAL A 303 -0.34 15.83 7.01
N LYS A 304 0.99 15.89 7.06
CA LYS A 304 1.65 16.19 8.32
C LYS A 304 2.98 16.87 8.02
N PRO A 305 3.54 17.62 8.98
CA PRO A 305 4.82 18.29 8.73
C PRO A 305 5.94 17.28 8.49
N PHE A 306 6.92 17.71 7.68
CA PHE A 306 8.06 16.89 7.29
C PHE A 306 9.34 17.63 7.60
N ASP A 307 10.28 16.95 8.23
CA ASP A 307 11.62 17.48 8.43
C ASP A 307 12.42 17.28 7.14
N SER A 308 12.64 18.37 6.40
CA SER A 308 13.32 18.29 5.11
C SER A 308 14.80 17.93 5.23
N ALA A 309 15.39 17.94 6.44
CA ALA A 309 16.70 17.33 6.57
C ALA A 309 16.64 15.84 6.24
N GLN A 310 15.46 15.23 6.26
CA GLN A 310 15.28 13.82 5.92
C GLN A 310 15.02 13.56 4.44
N LEU A 311 15.11 14.57 3.57
CA LEU A 311 14.87 14.32 2.15
C LEU A 311 15.82 13.25 1.60
N ALA A 312 17.10 13.32 1.95
CA ALA A 312 18.05 12.34 1.43
C ALA A 312 17.63 10.93 1.79
N SER A 313 17.40 10.70 3.09
CA SER A 313 16.92 9.41 3.57
C SER A 313 15.66 8.96 2.84
N GLU A 314 14.68 9.86 2.69
CA GLU A 314 13.41 9.46 2.10
C GLU A 314 13.42 9.39 0.57
N CYS A 315 14.36 10.08 -0.11
CA CYS A 315 14.27 10.26 -1.56
C CYS A 315 15.46 9.76 -2.36
N PHE A 316 16.66 9.60 -1.77
CA PHE A 316 17.82 9.29 -2.60
C PHE A 316 17.98 7.80 -2.87
N GLY A 317 17.22 6.94 -2.19
CA GLY A 317 17.40 5.52 -2.42
C GLY A 317 18.70 5.01 -1.85
N GLY A 318 19.22 3.94 -2.43
CA GLY A 318 20.42 3.32 -1.92
C GLY A 318 20.17 2.44 -0.72
N GLU A 319 21.27 1.92 -0.17
CA GLU A 319 21.19 0.89 0.87
C GLU A 319 20.89 1.46 2.25
N MET A 320 20.22 0.64 3.07
CA MET A 320 20.17 0.86 4.50
C MET A 320 20.36 -0.49 5.19
N THR A 321 20.58 -0.46 6.49
CA THR A 321 20.84 -1.68 7.23
C THR A 321 19.87 -1.80 8.39
N THR A 322 19.65 -3.05 8.81
CA THR A 322 18.82 -3.32 9.96
C THR A 322 19.33 -4.60 10.63
N LYS A 323 18.94 -4.80 11.88
CA LYS A 323 19.50 -5.88 12.70
C LYS A 323 18.71 -7.16 12.50
N THR A 324 19.42 -8.26 12.29
CA THR A 324 18.84 -9.59 12.22
C THR A 324 19.53 -10.54 13.20
N PHE A 332 23.20 -11.68 16.43
CA PHE A 332 22.67 -10.48 15.79
C PHE A 332 23.67 -9.88 14.79
N MET A 333 23.18 -9.60 13.58
CA MET A 333 24.03 -9.14 12.50
C MET A 333 23.28 -8.09 11.69
N ASP A 334 24.06 -7.24 11.02
CA ASP A 334 23.49 -6.28 10.09
C ASP A 334 22.90 -7.00 8.88
N PHE A 335 21.72 -6.58 8.46
CA PHE A 335 21.11 -7.07 7.22
C PHE A 335 20.88 -5.87 6.30
N SER A 336 21.44 -5.92 5.09
CA SER A 336 21.49 -4.78 4.18
C SER A 336 20.50 -4.93 3.05
N PHE A 337 19.79 -3.86 2.74
CA PHE A 337 18.90 -3.89 1.59
C PHE A 337 18.78 -2.48 0.97
N GLU A 338 18.49 -2.44 -0.32
CA GLU A 338 18.25 -1.17 -0.99
C GLU A 338 16.83 -0.69 -0.74
N LYS A 339 16.69 0.61 -0.45
CA LYS A 339 15.38 1.20 -0.23
C LYS A 339 14.56 1.18 -1.52
N THR A 340 13.31 0.70 -1.41
CA THR A 340 12.36 0.68 -2.51
C THR A 340 11.57 1.97 -2.63
N HIS A 341 11.70 2.88 -1.67
CA HIS A 341 11.10 4.21 -1.80
C HIS A 341 12.16 5.17 -2.33
N SER A 342 11.83 5.95 -3.37
CA SER A 342 12.76 6.96 -3.81
C SER A 342 12.02 7.98 -4.68
N ALA A 343 12.71 9.09 -4.95
CA ALA A 343 12.18 10.12 -5.82
C ALA A 343 11.66 9.55 -7.13
N TYR A 344 10.45 9.96 -7.50
CA TYR A 344 9.88 9.71 -8.81
C TYR A 344 9.74 10.99 -9.62
N MET A 345 9.36 12.11 -9.01
CA MET A 345 9.37 13.37 -9.75
C MET A 345 9.91 14.49 -8.87
N LEU A 346 10.75 15.34 -9.44
CA LEU A 346 11.30 16.50 -8.75
C LEU A 346 10.66 17.76 -9.31
N PHE A 347 10.31 18.69 -8.43
CA PHE A 347 9.71 19.96 -8.83
C PHE A 347 10.62 21.08 -8.35
N TYR A 348 11.07 21.89 -9.27
CA TYR A 348 12.02 22.98 -9.04
C TYR A 348 11.37 24.28 -9.48
N LYS A 349 11.57 25.35 -8.71
CA LYS A 349 10.99 26.65 -9.01
C LYS A 349 12.10 27.65 -9.32
N ARG A 350 11.93 28.41 -10.39
CA ARG A 350 12.98 29.36 -10.79
C ARG A 350 13.17 30.43 -9.73
N MET A 351 14.43 30.78 -9.48
CA MET A 351 14.76 31.82 -8.48
C MET A 351 14.45 33.20 -9.07
N GLU A 352 13.73 34.05 -8.35
CA GLU A 352 13.39 35.40 -8.85
C GLU A 352 13.96 36.45 -7.89
N PRO A 353 14.90 37.32 -8.33
CA PRO A 353 15.50 38.36 -7.49
C PRO A 353 14.68 39.00 -6.36
N GLU A 354 13.42 39.36 -6.59
CA GLU A 354 12.63 39.95 -5.48
C GLU A 354 12.04 38.82 -4.63
N ARG A 359 5.89 37.14 -1.66
CA ARG A 359 4.67 37.92 -1.56
C ARG A 359 3.62 37.17 -0.75
N GLU A 360 2.65 37.89 -0.21
CA GLU A 360 1.49 37.26 0.40
C GLU A 360 0.41 37.09 -0.66
N TYR A 361 0.00 35.85 -0.92
CA TYR A 361 -0.86 35.59 -2.07
C TYR A 361 -2.35 35.81 -1.77
N LYS A 362 -3.03 36.49 -2.71
CA LYS A 362 -4.49 36.65 -2.79
C LYS A 362 -5.05 35.64 -3.78
N PHE A 363 -5.78 34.66 -3.31
CA PHE A 363 -6.47 33.77 -4.23
C PHE A 363 -7.91 34.22 -4.36
N ASP A 364 -8.34 34.43 -5.60
CA ASP A 364 -9.70 34.87 -5.90
C ASP A 364 -10.54 33.66 -6.29
N VAL A 365 -11.15 33.05 -5.28
CA VAL A 365 -12.19 32.06 -5.54
C VAL A 365 -13.43 32.82 -5.92
N SER A 366 -14.10 32.39 -6.98
CA SER A 366 -15.36 32.99 -7.38
C SER A 366 -16.36 32.97 -6.22
N SER A 367 -17.22 33.99 -6.19
CA SER A 367 -18.21 34.08 -5.11
C SER A 367 -19.10 32.84 -5.06
N GLU A 368 -19.45 32.30 -6.22
CA GLU A 368 -20.34 31.15 -6.24
C GLU A 368 -19.68 29.92 -5.61
N LEU A 369 -18.37 29.74 -5.82
CA LEU A 369 -17.68 28.59 -5.23
C LEU A 369 -17.52 28.77 -3.73
N LEU A 370 -17.24 30.00 -3.29
CA LEU A 370 -17.18 30.27 -1.86
C LEU A 370 -18.52 29.96 -1.19
N GLU A 371 -19.63 30.21 -1.90
CA GLU A 371 -20.95 29.82 -1.42
C GLU A 371 -21.04 28.32 -1.23
N TRP A 372 -20.60 27.57 -2.24
CA TRP A 372 -20.70 26.11 -2.21
C TRP A 372 -19.91 25.53 -1.05
N ILE A 373 -18.69 26.02 -0.84
CA ILE A 373 -17.84 25.53 0.25
C ILE A 373 -18.28 26.08 1.61
N CYS B 3 2.69 -31.07 0.16
CA CYS B 3 4.10 -30.73 -0.01
C CYS B 3 4.23 -29.36 -0.66
N ARG B 4 3.07 -28.74 -0.80
CA ARG B 4 2.83 -27.50 -1.50
C ARG B 4 2.90 -26.30 -0.54
N PHE B 5 3.17 -26.57 0.75
CA PHE B 5 3.11 -25.62 1.87
C PHE B 5 4.11 -25.97 2.96
N VAL B 6 4.85 -24.98 3.44
CA VAL B 6 5.87 -25.18 4.47
C VAL B 6 5.22 -25.05 5.85
N GLY B 7 5.58 -25.95 6.77
CA GLY B 7 5.09 -25.89 8.13
C GLY B 7 5.94 -25.00 9.02
N LEU B 8 5.59 -25.00 10.31
CA LEU B 8 6.31 -24.25 11.33
C LEU B 8 6.59 -25.21 12.47
N THR B 9 7.87 -25.42 12.79
CA THR B 9 8.20 -26.36 13.85
C THR B 9 7.78 -25.82 15.21
N ASN B 10 7.22 -26.69 16.03
CA ASN B 10 6.89 -26.31 17.40
C ASN B 10 8.17 -26.21 18.24
N LEU B 11 8.35 -25.05 18.87
CA LEU B 11 9.49 -24.79 19.75
C LEU B 11 9.25 -25.24 21.19
N GLY B 12 8.07 -25.79 21.49
CA GLY B 12 7.73 -26.26 22.82
C GLY B 12 6.23 -26.29 22.98
N ALA B 13 5.64 -25.12 23.20
CA ALA B 13 4.20 -24.93 23.25
C ALA B 13 3.81 -23.72 22.40
N THR B 14 4.33 -23.67 21.18
CA THR B 14 4.14 -22.53 20.28
C THR B 14 3.20 -22.84 19.11
N CYS B 15 2.25 -23.77 19.30
CA CYS B 15 1.28 -24.02 18.24
C CYS B 15 0.35 -22.83 18.04
N TYR B 16 0.07 -22.06 19.11
CA TYR B 16 -0.67 -20.80 18.92
C TYR B 16 0.04 -19.89 17.92
N LEU B 17 1.37 -19.98 17.84
CA LEU B 17 2.12 -19.10 16.95
C LEU B 17 2.07 -19.62 15.53
N ALA B 18 2.15 -20.94 15.35
CA ALA B 18 2.02 -21.49 14.01
C ALA B 18 0.62 -21.21 13.46
N SER B 19 -0.42 -21.34 14.29
CA SER B 19 -1.77 -21.08 13.78
C SER B 19 -1.93 -19.63 13.34
N THR B 20 -1.37 -18.69 14.11
CA THR B 20 -1.49 -17.27 13.77
C THR B 20 -0.66 -16.93 12.52
N ILE B 21 0.64 -17.26 12.54
CA ILE B 21 1.51 -16.94 11.41
C ILE B 21 0.95 -17.52 10.11
N GLN B 22 0.49 -18.79 10.13
CA GLN B 22 0.02 -19.41 8.89
C GLN B 22 -1.25 -18.75 8.36
N GLN B 23 -2.17 -18.35 9.23
CA GLN B 23 -3.38 -17.69 8.72
C GLN B 23 -3.05 -16.33 8.11
N LEU B 24 -2.17 -15.56 8.78
CA LEU B 24 -1.71 -14.29 8.21
C LEU B 24 -0.99 -14.52 6.89
N TYR B 25 -0.10 -15.51 6.85
CA TYR B 25 0.62 -15.82 5.62
C TYR B 25 -0.33 -16.13 4.48
N MET B 26 -1.44 -16.83 4.77
CA MET B 26 -2.40 -17.21 3.75
C MET B 26 -3.36 -16.09 3.35
N ILE B 27 -3.24 -14.91 3.93
CA ILE B 27 -4.07 -13.78 3.53
C ILE B 27 -3.22 -12.91 2.61
N PRO B 28 -3.46 -12.97 1.30
CA PRO B 28 -2.55 -12.28 0.36
C PRO B 28 -2.33 -10.82 0.67
N GLU B 29 -3.36 -10.14 1.16
CA GLU B 29 -3.21 -8.73 1.49
C GLU B 29 -2.27 -8.55 2.68
N ALA B 30 -2.31 -9.47 3.65
CA ALA B 30 -1.43 -9.35 4.81
C ALA B 30 0.01 -9.72 4.48
N ARG B 31 0.20 -10.78 3.69
CA ARG B 31 1.56 -11.14 3.30
C ARG B 31 2.22 -10.01 2.51
N GLN B 32 1.49 -9.43 1.55
CA GLN B 32 2.09 -8.38 0.72
C GLN B 32 2.43 -7.15 1.55
N ALA B 33 1.55 -6.77 2.49
CA ALA B 33 1.86 -5.63 3.34
C ALA B 33 3.14 -5.86 4.14
N VAL B 34 3.39 -7.11 4.55
CA VAL B 34 4.58 -7.40 5.32
C VAL B 34 5.81 -7.33 4.42
N PHE B 35 5.70 -7.84 3.20
CA PHE B 35 6.82 -7.86 2.26
C PHE B 35 7.25 -6.44 1.83
N THR B 36 6.30 -5.51 1.77
CA THR B 36 6.59 -4.14 1.36
C THR B 36 6.66 -3.18 2.53
N ALA B 37 6.76 -3.69 3.76
CA ALA B 37 6.83 -2.81 4.93
C ALA B 37 7.99 -1.84 4.77
N LYS B 38 7.72 -0.56 5.02
CA LYS B 38 8.70 0.50 4.83
C LYS B 38 9.47 0.70 6.14
N TYR B 39 10.76 0.39 6.11
CA TYR B 39 11.59 0.53 7.30
C TYR B 39 11.91 2.01 7.55
N SER B 40 12.36 2.26 8.77
CA SER B 40 12.75 3.59 9.23
C SER B 40 13.48 3.42 10.54
N GLU B 41 14.58 4.17 10.70
CA GLU B 41 15.16 4.29 12.02
C GLU B 41 14.12 4.88 12.98
N ASP B 42 14.19 4.45 14.24
CA ASP B 42 13.28 4.79 15.35
C ASP B 42 12.04 3.92 15.40
N MET B 43 11.76 3.11 14.36
CA MET B 43 10.51 2.38 14.34
C MET B 43 10.53 1.27 15.38
N LYS B 44 9.37 1.04 15.99
CA LYS B 44 9.25 -0.03 16.97
C LYS B 44 9.22 -1.37 16.25
N HIS B 45 9.64 -2.41 16.99
CA HIS B 45 9.62 -3.80 16.51
C HIS B 45 10.33 -3.94 15.17
N LYS B 46 11.47 -3.27 15.05
CA LYS B 46 12.27 -3.37 13.82
C LYS B 46 12.82 -4.78 13.65
N THR B 47 13.36 -5.37 14.71
CA THR B 47 13.87 -6.73 14.61
C THR B 47 12.74 -7.72 14.35
N THR B 48 11.60 -7.53 15.04
CA THR B 48 10.44 -8.39 14.82
C THR B 48 9.99 -8.35 13.36
N LEU B 49 9.91 -7.14 12.78
CA LEU B 49 9.49 -7.03 11.38
C LEU B 49 10.39 -7.84 10.47
N LEU B 50 11.72 -7.72 10.64
CA LEU B 50 12.62 -8.41 9.74
C LEU B 50 12.42 -9.91 9.82
N GLU B 51 12.23 -10.43 11.03
CA GLU B 51 12.08 -11.86 11.19
C GLU B 51 10.75 -12.34 10.63
N LEU B 52 9.72 -11.50 10.71
CA LEU B 52 8.46 -11.86 10.08
C LEU B 52 8.62 -11.90 8.57
N GLN B 53 9.38 -10.95 8.00
CA GLN B 53 9.62 -10.94 6.56
C GLN B 53 10.36 -12.20 6.11
N LYS B 54 11.38 -12.58 6.87
CA LYS B 54 12.14 -13.78 6.55
C LYS B 54 11.29 -15.03 6.68
N MET B 55 10.45 -15.09 7.72
CA MET B 55 9.53 -16.20 7.87
C MET B 55 8.58 -16.29 6.69
N PHE B 56 8.00 -15.16 6.28
CA PHE B 56 7.07 -15.21 5.14
C PHE B 56 7.83 -15.60 3.87
N THR B 57 9.03 -15.06 3.67
CA THR B 57 9.87 -15.46 2.54
C THR B 57 10.13 -16.95 2.56
N TYR B 58 10.50 -17.48 3.72
CA TYR B 58 10.81 -18.90 3.83
C TYR B 58 9.59 -19.77 3.53
N LEU B 59 8.43 -19.40 4.06
CA LEU B 59 7.24 -20.20 3.79
C LEU B 59 6.91 -20.21 2.30
N MET B 60 7.18 -19.10 1.62
CA MET B 60 6.84 -18.98 0.21
C MET B 60 7.88 -19.63 -0.72
N GLU B 61 9.16 -19.63 -0.33
CA GLU B 61 10.22 -20.01 -1.26
C GLU B 61 11.12 -21.14 -0.79
N SER B 62 11.09 -21.53 0.48
CA SER B 62 11.92 -22.65 0.90
C SER B 62 11.42 -23.95 0.29
N GLU B 63 12.36 -24.84 -0.02
CA GLU B 63 12.03 -26.19 -0.46
C GLU B 63 12.04 -27.20 0.68
N CYS B 64 12.30 -26.76 1.90
CA CYS B 64 12.33 -27.64 3.06
C CYS B 64 10.90 -27.93 3.55
N LYS B 65 10.82 -28.77 4.56
CA LYS B 65 9.53 -29.19 5.11
C LYS B 65 8.92 -28.14 6.02
N ALA B 66 9.74 -27.51 6.86
CA ALA B 66 9.22 -26.65 7.92
C ALA B 66 10.23 -25.55 8.20
N TYR B 67 9.73 -24.44 8.72
CA TYR B 67 10.57 -23.34 9.17
C TYR B 67 10.70 -23.38 10.68
N ASN B 68 11.90 -23.07 11.19
CA ASN B 68 12.09 -22.97 12.63
C ASN B 68 11.97 -21.52 13.03
N PRO B 69 10.94 -21.10 13.77
CA PRO B 69 10.74 -19.68 14.07
C PRO B 69 11.49 -19.15 15.28
N ARG B 70 12.46 -19.89 15.83
CA ARG B 70 13.24 -19.36 16.95
C ARG B 70 13.77 -17.95 16.71
N PRO B 71 14.40 -17.62 15.57
CA PRO B 71 14.84 -16.23 15.35
C PRO B 71 13.72 -15.22 15.51
N PHE B 72 12.48 -15.62 15.18
CA PHE B 72 11.34 -14.74 15.37
C PHE B 72 10.97 -14.65 16.85
N CYS B 73 10.86 -15.79 17.54
CA CYS B 73 10.49 -15.78 18.95
C CYS B 73 11.51 -15.09 19.83
N LYS B 74 12.80 -15.21 19.46
CA LYS B 74 13.86 -14.56 20.23
C LYS B 74 13.77 -13.05 20.17
N THR B 75 13.30 -12.50 19.05
CA THR B 75 13.14 -11.07 18.90
C THR B 75 11.78 -10.56 19.39
N TYR B 76 10.92 -11.43 19.92
CA TYR B 76 9.54 -11.07 20.21
C TYR B 76 9.35 -10.77 21.70
N THR B 77 8.80 -9.60 22.00
CA THR B 77 8.50 -9.18 23.36
C THR B 77 6.99 -9.02 23.49
N MET B 78 6.38 -9.79 24.39
CA MET B 78 4.95 -9.73 24.66
C MET B 78 4.76 -9.40 26.14
N ASP B 79 4.16 -8.24 26.41
CA ASP B 79 3.97 -7.73 27.78
C ASP B 79 5.31 -7.57 28.50
N LYS B 80 6.28 -6.94 27.81
CA LYS B 80 7.56 -6.52 28.37
C LYS B 80 8.44 -7.68 28.86
N GLN B 81 8.17 -8.89 28.39
CA GLN B 81 8.98 -10.06 28.68
C GLN B 81 9.24 -10.82 27.39
N PRO B 82 10.30 -11.62 27.32
CA PRO B 82 10.56 -12.39 26.10
C PRO B 82 9.48 -13.44 25.91
N LEU B 83 9.29 -13.84 24.64
CA LEU B 83 8.38 -14.94 24.37
C LEU B 83 8.97 -16.21 24.97
N ASN B 84 8.31 -16.75 25.98
CA ASN B 84 8.70 -18.02 26.59
C ASN B 84 8.09 -19.13 25.75
N THR B 85 8.91 -19.70 24.86
CA THR B 85 8.41 -20.70 23.92
C THR B 85 8.02 -22.01 24.58
N GLY B 86 8.18 -22.12 25.91
CA GLY B 86 7.76 -23.32 26.60
C GLY B 86 6.33 -23.26 27.11
N GLU B 87 5.75 -22.06 27.16
CA GLU B 87 4.42 -21.90 27.74
C GLU B 87 3.44 -21.43 26.68
N GLN B 88 2.32 -22.13 26.59
CA GLN B 88 1.27 -21.81 25.64
C GLN B 88 0.66 -20.45 25.94
N LYS B 89 0.41 -19.69 24.89
CA LYS B 89 -0.34 -18.44 24.95
C LYS B 89 -1.74 -18.64 24.41
N ASP B 90 -2.63 -17.73 24.78
CA ASP B 90 -3.94 -17.71 24.16
C ASP B 90 -3.82 -17.20 22.73
N MET B 91 -4.37 -17.95 21.78
CA MET B 91 -4.08 -17.67 20.38
C MET B 91 -4.70 -16.34 19.94
N THR B 92 -5.89 -16.03 20.43
CA THR B 92 -6.50 -14.73 20.12
C THR B 92 -5.68 -13.57 20.69
N GLU B 93 -5.24 -13.70 21.95
CA GLU B 93 -4.41 -12.65 22.52
C GLU B 93 -3.13 -12.44 21.72
N PHE B 94 -2.53 -13.52 21.23
CA PHE B 94 -1.27 -13.39 20.47
C PHE B 94 -1.52 -12.82 19.08
N PHE B 95 -2.54 -13.34 18.40
CA PHE B 95 -3.02 -12.73 17.16
C PHE B 95 -3.18 -11.22 17.31
N THR B 96 -3.94 -10.80 18.34
CA THR B 96 -4.14 -9.37 18.57
C THR B 96 -2.80 -8.65 18.82
N ASP B 97 -1.92 -9.26 19.62
CA ASP B 97 -0.64 -8.63 19.92
C ASP B 97 0.18 -8.42 18.63
N LEU B 98 0.24 -9.44 17.78
CA LEU B 98 1.04 -9.34 16.56
C LEU B 98 0.42 -8.35 15.57
N ILE B 99 -0.91 -8.38 15.42
CA ILE B 99 -1.56 -7.45 14.52
C ILE B 99 -1.38 -6.02 15.01
N THR B 100 -1.39 -5.84 16.33
CA THR B 100 -1.19 -4.52 16.88
C THR B 100 0.26 -4.08 16.70
N LYS B 101 1.22 -4.98 16.95
CA LYS B 101 2.62 -4.66 16.67
C LYS B 101 2.83 -4.20 15.23
N ILE B 102 2.34 -5.00 14.28
CA ILE B 102 2.41 -4.62 12.88
C ILE B 102 1.82 -3.24 12.67
N GLU B 103 0.66 -2.97 13.27
CA GLU B 103 0.01 -1.67 13.11
C GLU B 103 0.88 -0.53 13.64
N GLU B 104 1.69 -0.80 14.67
CA GLU B 104 2.56 0.22 15.23
C GLU B 104 3.85 0.45 14.44
N MET B 105 4.14 -0.38 13.43
CA MET B 105 5.43 -0.25 12.73
C MET B 105 5.50 1.00 11.87
N SER B 106 4.37 1.42 11.28
CA SER B 106 4.36 2.61 10.45
C SER B 106 2.93 3.07 10.27
N PRO B 107 2.70 4.35 9.96
CA PRO B 107 1.34 4.81 9.66
C PRO B 107 0.71 4.07 8.50
N GLU B 108 1.51 3.73 7.49
CA GLU B 108 0.98 2.99 6.35
C GLU B 108 0.60 1.56 6.74
N LEU B 109 1.33 0.93 7.66
CA LEU B 109 0.89 -0.36 8.16
C LEU B 109 -0.31 -0.23 9.09
N LYS B 110 -0.41 0.89 9.82
CA LYS B 110 -1.59 1.13 10.64
C LYS B 110 -2.83 1.19 9.78
N ASN B 111 -2.75 1.87 8.63
CA ASN B 111 -3.91 1.99 7.75
C ASN B 111 -4.25 0.66 7.10
N THR B 112 -3.25 -0.15 6.77
CA THR B 112 -3.52 -1.44 6.17
C THR B 112 -4.21 -2.38 7.16
N VAL B 113 -3.67 -2.46 8.37
CA VAL B 113 -4.17 -3.39 9.37
C VAL B 113 -5.60 -2.99 9.78
N LYS B 114 -5.83 -1.70 9.97
CA LYS B 114 -7.16 -1.23 10.32
C LYS B 114 -8.19 -1.60 9.25
N SER B 115 -7.84 -1.45 7.98
CA SER B 115 -8.80 -1.79 6.93
C SER B 115 -8.90 -3.30 6.74
N LEU B 116 -7.79 -4.03 6.89
CA LEU B 116 -7.78 -5.47 6.67
C LEU B 116 -8.48 -6.24 7.78
N PHE B 117 -8.18 -5.90 9.04
CA PHE B 117 -8.69 -6.63 10.19
C PHE B 117 -9.57 -5.81 11.13
N GLY B 118 -9.61 -4.48 10.97
CA GLY B 118 -10.30 -3.64 11.93
C GLY B 118 -11.73 -3.32 11.50
N GLY B 119 -12.60 -3.19 12.51
CA GLY B 119 -13.97 -2.78 12.30
C GLY B 119 -14.40 -1.79 13.36
N VAL B 120 -15.68 -1.37 13.29
CA VAL B 120 -16.25 -0.42 14.23
C VAL B 120 -17.62 -0.93 14.69
N ILE B 121 -17.81 -1.02 16.00
CA ILE B 121 -19.10 -1.32 16.62
C ILE B 121 -19.68 -0.02 17.18
N THR B 122 -20.92 0.28 16.82
CA THR B 122 -21.64 1.41 17.42
C THR B 122 -22.54 0.88 18.52
N ASN B 123 -22.46 1.53 19.68
CA ASN B 123 -23.37 1.27 20.79
C ASN B 123 -24.49 2.30 20.69
N ASN B 124 -25.70 1.81 20.36
CA ASN B 124 -26.77 2.61 19.77
C ASN B 124 -26.35 3.15 18.41
N GLN B 135 -24.54 5.41 19.16
CA GLN B 135 -24.19 6.79 19.49
C GLN B 135 -22.71 6.90 19.79
N THR B 136 -22.13 5.85 20.39
CA THR B 136 -20.69 5.73 20.60
C THR B 136 -20.09 4.73 19.63
N ALA B 137 -18.79 4.89 19.38
CA ALA B 137 -18.05 4.04 18.45
C ALA B 137 -16.95 3.31 19.20
N GLU B 138 -16.70 2.07 18.78
CA GLU B 138 -15.80 1.17 19.50
C GLU B 138 -15.04 0.34 18.48
N GLU B 139 -13.72 0.54 18.40
CA GLU B 139 -12.90 -0.18 17.44
C GLU B 139 -12.76 -1.64 17.85
N PHE B 140 -12.59 -2.53 16.87
CA PHE B 140 -12.35 -3.93 17.18
C PHE B 140 -11.48 -4.57 16.11
N TYR B 141 -10.78 -5.63 16.52
CA TYR B 141 -10.04 -6.50 15.62
C TYR B 141 -10.65 -7.89 15.55
N THR B 142 -11.17 -8.40 16.66
CA THR B 142 -11.84 -9.68 16.68
C THR B 142 -13.17 -9.52 17.41
N VAL B 143 -14.15 -10.34 17.05
CA VAL B 143 -15.45 -10.32 17.70
C VAL B 143 -15.55 -11.58 18.53
N ARG B 144 -15.77 -11.43 19.83
CA ARG B 144 -15.92 -12.56 20.74
C ARG B 144 -17.37 -13.07 20.70
N CYS B 145 -17.55 -14.36 20.39
CA CYS B 145 -18.86 -14.96 20.26
C CYS B 145 -19.04 -16.04 21.33
N GLN B 146 -20.18 -16.01 22.02
CA GLN B 146 -20.46 -17.02 23.03
C GLN B 146 -20.88 -18.33 22.35
N VAL B 147 -20.30 -19.44 22.80
CA VAL B 147 -20.71 -20.76 22.36
C VAL B 147 -21.68 -21.41 23.35
N ALA B 148 -21.48 -21.21 24.65
CA ALA B 148 -22.30 -21.90 25.65
C ALA B 148 -23.77 -21.49 25.51
N ASP B 149 -24.63 -22.49 25.35
CA ASP B 149 -26.09 -22.32 25.21
C ASP B 149 -26.48 -21.65 23.90
N MET B 150 -25.57 -21.58 22.92
CA MET B 150 -25.87 -21.09 21.58
C MET B 150 -25.73 -22.24 20.60
N LYS B 151 -26.59 -22.27 19.59
CA LYS B 151 -26.52 -23.36 18.61
C LYS B 151 -25.57 -23.06 17.46
N ASN B 152 -25.35 -21.79 17.15
CA ASN B 152 -24.57 -21.40 15.98
C ASN B 152 -24.17 -19.94 16.14
N ILE B 153 -23.34 -19.49 15.21
CA ILE B 153 -22.81 -18.14 15.29
C ILE B 153 -23.91 -17.09 15.04
N TYR B 154 -24.99 -17.47 14.36
CA TYR B 154 -26.11 -16.54 14.22
C TYR B 154 -26.73 -16.23 15.57
N GLU B 155 -26.87 -17.24 16.43
CA GLU B 155 -27.38 -17.00 17.77
C GLU B 155 -26.39 -16.19 18.60
N SER B 156 -25.08 -16.43 18.42
CA SER B 156 -24.09 -15.63 19.15
C SER B 156 -24.18 -14.17 18.74
N LEU B 157 -24.25 -13.92 17.43
CA LEU B 157 -24.35 -12.54 16.92
C LEU B 157 -25.66 -11.89 17.33
N ASP B 158 -26.76 -12.64 17.39
CA ASP B 158 -27.99 -12.11 17.98
C ASP B 158 -27.72 -11.60 19.38
N GLU B 159 -26.92 -12.34 20.16
CA GLU B 159 -26.62 -11.94 21.53
C GLU B 159 -25.72 -10.72 21.55
N VAL B 160 -24.70 -10.67 20.69
CA VAL B 160 -23.85 -9.48 20.61
C VAL B 160 -24.70 -8.27 20.28
N THR B 161 -25.57 -8.40 19.28
CA THR B 161 -26.39 -7.27 18.82
C THR B 161 -27.74 -7.19 19.53
N ILE B 162 -27.85 -7.68 20.77
CA ILE B 162 -29.15 -7.78 21.43
C ILE B 162 -29.69 -6.41 21.80
N LYS B 163 -31.02 -6.26 21.70
CA LYS B 163 -31.72 -5.04 22.09
C LYS B 163 -32.02 -5.08 23.58
N ASP B 164 -31.42 -4.16 24.33
CA ASP B 164 -31.73 -3.96 25.74
C ASP B 164 -32.65 -2.75 25.89
N THR B 165 -33.75 -2.92 26.60
CA THR B 165 -34.67 -1.81 26.84
C THR B 165 -34.42 -1.22 28.23
N LEU B 166 -34.61 0.08 28.34
CA LEU B 166 -34.49 0.77 29.62
C LEU B 166 -35.58 1.82 29.79
N LYS B 185 -31.00 0.13 24.24
CA LYS B 185 -29.61 0.17 23.82
C LYS B 185 -29.21 -1.12 23.11
N ARG B 186 -28.31 -1.02 22.14
CA ARG B 186 -27.85 -2.19 21.42
C ARG B 186 -26.57 -1.86 20.67
N ALA B 187 -25.76 -2.88 20.48
CA ALA B 187 -24.56 -2.77 19.68
C ALA B 187 -24.85 -3.19 18.25
N CYS B 188 -24.30 -2.45 17.29
CA CYS B 188 -24.42 -2.79 15.89
C CYS B 188 -23.07 -2.60 15.23
N PHE B 189 -22.89 -3.24 14.09
CA PHE B 189 -21.64 -3.14 13.36
C PHE B 189 -21.78 -2.00 12.35
N LYS B 190 -21.00 -0.94 12.55
CA LYS B 190 -21.02 0.19 11.63
C LYS B 190 -20.07 -0.03 10.46
N LYS B 191 -18.93 -0.66 10.73
CA LYS B 191 -17.95 -0.93 9.70
C LYS B 191 -17.31 -2.27 10.01
N LEU B 192 -17.16 -3.09 8.99
CA LEU B 192 -16.57 -4.40 9.13
C LEU B 192 -15.29 -4.48 8.30
N PRO B 193 -14.35 -5.33 8.69
CA PRO B 193 -13.07 -5.43 7.97
C PRO B 193 -13.19 -6.36 6.77
N ARG B 194 -12.19 -6.25 5.89
CA ARG B 194 -12.03 -7.22 4.81
C ARG B 194 -11.97 -8.65 5.33
N ILE B 195 -11.17 -8.89 6.38
CA ILE B 195 -11.03 -10.21 6.99
C ILE B 195 -11.70 -10.15 8.36
N LEU B 196 -12.88 -10.78 8.48
CA LEU B 196 -13.64 -10.81 9.71
C LEU B 196 -13.16 -11.96 10.58
N SER B 197 -12.75 -11.69 11.80
CA SER B 197 -12.28 -12.74 12.71
C SER B 197 -13.23 -12.86 13.89
N PHE B 198 -13.54 -14.12 14.26
CA PHE B 198 -14.47 -14.45 15.34
C PHE B 198 -13.74 -15.38 16.30
N ASN B 199 -13.75 -15.04 17.59
CA ASN B 199 -13.23 -15.90 18.64
C ASN B 199 -14.42 -16.62 19.23
N THR B 200 -14.58 -17.89 18.89
CA THR B 200 -15.73 -18.69 19.35
C THR B 200 -15.38 -19.19 20.75
N MET B 201 -15.91 -18.50 21.76
CA MET B 201 -15.45 -18.58 23.13
C MET B 201 -16.15 -19.72 23.87
N ARG B 202 -15.39 -20.74 24.26
CA ARG B 202 -15.98 -21.95 24.83
C ARG B 202 -15.68 -22.15 26.32
N TYR B 203 -14.98 -21.21 26.97
CA TYR B 203 -14.53 -21.39 28.35
C TYR B 203 -15.53 -20.80 29.36
N THR B 204 -15.88 -21.61 30.35
CA THR B 204 -16.69 -21.19 31.49
C THR B 204 -15.86 -21.35 32.76
N PHE B 205 -16.06 -20.43 33.71
CA PHE B 205 -15.34 -20.52 34.97
C PHE B 205 -16.11 -21.43 35.93
N ASN B 206 -15.44 -22.48 36.38
CA ASN B 206 -16.02 -23.43 37.35
C ASN B 206 -15.61 -22.98 38.75
N MET B 207 -16.59 -22.52 39.54
CA MET B 207 -16.27 -21.98 40.85
C MET B 207 -15.81 -23.06 41.82
N VAL B 208 -16.31 -24.29 41.66
CA VAL B 208 -15.97 -25.37 42.59
C VAL B 208 -14.53 -25.83 42.38
N THR B 209 -14.15 -26.11 41.13
CA THR B 209 -12.74 -26.44 40.85
C THR B 209 -11.88 -25.19 40.76
N MET B 210 -12.50 -24.02 40.61
CA MET B 210 -11.82 -22.73 40.63
C MET B 210 -10.87 -22.57 39.46
N MET B 211 -11.34 -22.94 38.26
CA MET B 211 -10.62 -22.60 37.03
C MET B 211 -11.53 -22.79 35.83
N LYS B 212 -11.06 -22.26 34.70
CA LYS B 212 -11.78 -22.34 33.44
C LYS B 212 -12.05 -23.78 33.05
N GLU B 213 -13.27 -24.04 32.58
CA GLU B 213 -13.63 -25.32 31.99
C GLU B 213 -14.15 -25.06 30.59
N LYS B 214 -13.79 -25.94 29.67
CA LYS B 214 -14.22 -25.84 28.29
C LYS B 214 -15.58 -26.50 28.10
N VAL B 215 -16.44 -25.87 27.30
CA VAL B 215 -17.74 -26.44 26.94
C VAL B 215 -17.63 -27.05 25.55
N ASN B 216 -18.18 -28.24 25.37
CA ASN B 216 -17.93 -29.01 24.16
C ASN B 216 -19.20 -29.27 23.37
N THR B 217 -20.24 -28.46 23.58
CA THR B 217 -21.52 -28.64 22.93
C THR B 217 -21.47 -28.21 21.46
N HIS B 218 -22.43 -28.71 20.69
CA HIS B 218 -22.46 -28.43 19.26
C HIS B 218 -22.67 -26.94 18.99
N PHE B 219 -21.90 -26.41 18.04
CA PHE B 219 -21.96 -25.00 17.66
C PHE B 219 -21.53 -24.90 16.19
N SER B 220 -22.44 -24.50 15.31
CA SER B 220 -22.18 -24.48 13.88
C SER B 220 -21.94 -23.06 13.37
N PHE B 221 -21.42 -22.98 12.15
CA PHE B 221 -21.14 -21.71 11.50
C PHE B 221 -21.10 -21.96 10.00
N PRO B 222 -21.48 -20.98 9.18
CA PRO B 222 -21.64 -21.22 7.75
C PRO B 222 -20.40 -20.96 6.89
N LEU B 223 -20.38 -21.63 5.74
CA LEU B 223 -19.42 -21.32 4.69
C LEU B 223 -19.66 -19.92 4.11
N ARG B 224 -20.93 -19.59 3.83
CA ARG B 224 -21.27 -18.24 3.42
C ARG B 224 -21.97 -17.55 4.59
N LEU B 225 -21.42 -16.41 5.00
CA LEU B 225 -21.92 -15.61 6.11
C LEU B 225 -22.44 -14.27 5.58
N ASP B 226 -23.72 -13.98 5.86
CA ASP B 226 -24.29 -12.67 5.58
C ASP B 226 -24.32 -11.90 6.90
N MET B 227 -23.56 -10.80 6.96
CA MET B 227 -23.53 -9.96 8.15
C MET B 227 -24.57 -8.84 8.10
N THR B 228 -25.30 -8.70 6.98
CA THR B 228 -26.34 -7.67 6.85
C THR B 228 -27.24 -7.53 8.08
N PRO B 229 -27.81 -8.62 8.66
CA PRO B 229 -28.75 -8.43 9.78
C PRO B 229 -28.12 -7.83 11.03
N TYR B 230 -26.80 -7.64 11.10
CA TYR B 230 -26.14 -7.09 12.27
C TYR B 230 -25.54 -5.72 12.00
N THR B 231 -25.79 -5.16 10.83
CA THR B 231 -25.21 -3.87 10.46
C THR B 231 -26.06 -2.73 11.00
N GLU B 232 -25.39 -1.63 11.33
CA GLU B 232 -26.09 -0.45 11.82
C GLU B 232 -27.18 0.00 10.85
N ASP B 233 -26.90 -0.09 9.55
CA ASP B 233 -27.86 0.39 8.56
C ASP B 233 -29.08 -0.52 8.46
N PHE B 234 -28.95 -1.81 8.78
CA PHE B 234 -30.11 -2.70 8.73
C PHE B 234 -30.93 -2.68 10.02
N LEU B 235 -30.29 -2.55 11.17
CA LEU B 235 -31.02 -2.49 12.43
C LEU B 235 -31.37 -1.07 12.84
N MET B 236 -30.78 -0.07 12.19
CA MET B 236 -31.04 1.35 12.44
C MET B 236 -30.83 1.67 13.92
N GLY B 237 -29.60 1.41 14.37
CA GLY B 237 -29.26 1.63 15.76
C GLY B 237 -29.83 0.58 16.67
N SER B 255 -15.76 -3.30 0.27
CA SER B 255 -15.76 -2.14 1.15
C SER B 255 -17.09 -1.95 1.85
N GLU B 256 -18.18 -2.17 1.11
CA GLU B 256 -19.53 -2.03 1.64
C GLU B 256 -20.39 -3.27 1.41
N SER B 257 -19.80 -4.37 0.94
CA SER B 257 -20.50 -5.64 0.86
C SER B 257 -20.46 -6.33 2.22
N TYR B 258 -21.59 -6.91 2.63
CA TYR B 258 -21.69 -7.54 3.95
C TYR B 258 -21.66 -9.07 3.89
N GLU B 259 -21.45 -9.65 2.71
CA GLU B 259 -21.42 -11.09 2.53
C GLU B 259 -19.98 -11.58 2.66
N TYR B 260 -19.78 -12.65 3.42
CA TYR B 260 -18.45 -13.17 3.71
C TYR B 260 -18.38 -14.64 3.37
N ASP B 261 -17.16 -15.09 3.07
CA ASP B 261 -16.84 -16.47 2.76
C ASP B 261 -15.79 -16.97 3.74
N LEU B 262 -16.05 -18.12 4.36
CA LEU B 262 -15.09 -18.70 5.30
C LEU B 262 -13.77 -19.03 4.60
N ILE B 263 -12.67 -18.53 5.15
CA ILE B 263 -11.35 -18.88 4.62
C ILE B 263 -10.47 -19.64 5.61
N GLY B 264 -10.79 -19.65 6.90
CA GLY B 264 -9.93 -20.41 7.82
C GLY B 264 -10.56 -20.69 9.19
N VAL B 265 -10.15 -21.79 9.84
CA VAL B 265 -10.59 -22.07 11.21
C VAL B 265 -9.38 -22.44 12.02
N THR B 266 -9.12 -21.68 13.08
CA THR B 266 -8.19 -22.13 14.12
C THR B 266 -8.96 -23.06 15.05
N VAL B 267 -8.50 -24.29 15.18
CA VAL B 267 -9.13 -25.26 16.06
C VAL B 267 -8.29 -25.38 17.31
N HIS B 268 -8.96 -25.44 18.46
CA HIS B 268 -8.32 -25.80 19.71
C HIS B 268 -8.87 -27.16 20.16
N THR B 269 -7.98 -28.04 20.60
CA THR B 269 -8.38 -29.36 21.09
C THR B 269 -7.93 -29.52 22.53
N GLY B 270 -8.63 -30.39 23.27
CA GLY B 270 -8.26 -30.66 24.65
C GLY B 270 -8.74 -29.59 25.61
N THR B 271 -8.01 -29.46 26.72
CA THR B 271 -8.42 -28.60 27.82
C THR B 271 -7.85 -27.19 27.67
N ALA B 272 -8.29 -26.31 28.56
CA ALA B 272 -7.81 -24.94 28.62
C ALA B 272 -6.30 -24.87 28.73
N ASP B 273 -5.72 -25.36 29.84
CA ASP B 273 -4.28 -25.21 30.07
C ASP B 273 -3.45 -26.39 29.57
N GLY B 274 -4.05 -27.35 28.88
CA GLY B 274 -3.31 -28.49 28.38
C GLY B 274 -3.54 -28.87 26.93
N GLY B 275 -4.29 -28.07 26.17
CA GLY B 275 -4.62 -28.40 24.81
C GLY B 275 -3.71 -27.72 23.79
N HIS B 276 -4.07 -27.88 22.51
CA HIS B 276 -3.24 -27.42 21.40
C HIS B 276 -4.11 -26.81 20.31
N TYR B 277 -3.46 -26.08 19.40
CA TYR B 277 -4.11 -25.44 18.27
C TYR B 277 -3.60 -26.05 16.97
N TYR B 278 -4.48 -26.15 15.98
CA TYR B 278 -4.10 -26.35 14.59
C TYR B 278 -5.13 -25.61 13.74
N SER B 279 -4.90 -25.57 12.42
CA SER B 279 -5.72 -24.72 11.55
C SER B 279 -6.12 -25.42 10.26
N PHE B 280 -7.37 -25.21 9.87
CA PHE B 280 -7.88 -25.56 8.54
C PHE B 280 -7.96 -24.25 7.75
N ILE B 281 -7.14 -24.12 6.72
CA ILE B 281 -7.04 -22.84 6.02
C ILE B 281 -7.27 -23.07 4.53
N ARG B 282 -8.06 -22.19 3.92
CA ARG B 282 -8.34 -22.28 2.50
C ARG B 282 -7.30 -21.52 1.68
N ASP B 283 -6.84 -22.15 0.60
CA ASP B 283 -5.96 -21.49 -0.36
C ASP B 283 -6.76 -20.46 -1.16
N ILE B 284 -6.58 -19.18 -0.84
CA ILE B 284 -7.16 -18.08 -1.62
C ILE B 284 -6.09 -17.34 -2.42
N VAL B 285 -4.86 -17.83 -2.43
CA VAL B 285 -3.77 -17.18 -3.16
C VAL B 285 -3.69 -17.67 -4.60
N ASN B 286 -3.75 -18.97 -4.80
CA ASN B 286 -3.75 -19.53 -6.15
C ASN B 286 -5.16 -19.47 -6.71
N PRO B 287 -5.43 -18.61 -7.70
CA PRO B 287 -6.80 -18.51 -8.23
C PRO B 287 -7.34 -19.82 -8.77
N HIS B 288 -6.49 -20.73 -9.21
CA HIS B 288 -7.06 -22.02 -9.61
C HIS B 288 -7.33 -22.94 -8.43
N ALA B 289 -6.48 -22.91 -7.40
CA ALA B 289 -6.85 -23.64 -6.18
C ALA B 289 -8.18 -23.11 -5.63
N TYR B 290 -8.38 -21.79 -5.67
CA TYR B 290 -9.61 -21.19 -5.15
C TYR B 290 -10.84 -21.71 -5.90
N LYS B 291 -10.77 -21.76 -7.24
CA LYS B 291 -11.85 -22.36 -8.01
C LYS B 291 -12.16 -23.77 -7.52
N ASN B 292 -11.12 -24.53 -7.22
CA ASN B 292 -11.26 -25.93 -6.80
C ASN B 292 -11.55 -26.10 -5.32
N ASN B 293 -11.73 -24.99 -4.58
CA ASN B 293 -12.07 -25.03 -3.16
C ASN B 293 -11.10 -25.90 -2.36
N LYS B 294 -9.81 -25.62 -2.52
CA LYS B 294 -8.76 -26.43 -1.91
C LYS B 294 -8.44 -25.92 -0.51
N TRP B 295 -8.43 -26.82 0.47
CA TRP B 295 -8.14 -26.51 1.86
C TRP B 295 -6.95 -27.33 2.35
N TYR B 296 -6.32 -26.84 3.42
CA TYR B 296 -5.18 -27.56 3.99
C TYR B 296 -5.25 -27.54 5.51
N LEU B 297 -4.76 -28.62 6.11
CA LEU B 297 -4.57 -28.70 7.56
C LEU B 297 -3.13 -28.32 7.88
N PHE B 298 -2.96 -27.22 8.61
CA PHE B 298 -1.68 -26.76 9.13
C PHE B 298 -1.59 -27.19 10.58
N ASN B 299 -0.83 -28.26 10.85
CA ASN B 299 -0.61 -28.77 12.20
C ASN B 299 0.90 -28.72 12.47
N ASP B 300 1.36 -27.57 12.94
CA ASP B 300 2.76 -27.34 13.28
C ASP B 300 3.64 -27.61 12.07
N ALA B 301 4.50 -28.63 12.11
CA ALA B 301 5.38 -28.85 10.96
C ALA B 301 4.69 -29.56 9.82
N GLU B 302 3.56 -30.21 10.06
CA GLU B 302 2.85 -31.00 9.06
C GLU B 302 1.75 -30.17 8.40
N VAL B 303 1.77 -30.12 7.08
CA VAL B 303 0.72 -29.49 6.27
C VAL B 303 0.26 -30.50 5.24
N LYS B 304 -1.03 -30.81 5.24
CA LYS B 304 -1.60 -31.82 4.36
C LYS B 304 -2.92 -31.31 3.78
N PRO B 305 -3.31 -31.80 2.61
CA PRO B 305 -4.62 -31.41 2.06
C PRO B 305 -5.74 -31.81 3.00
N PHE B 306 -6.81 -31.03 2.96
CA PHE B 306 -7.95 -31.22 3.83
C PHE B 306 -9.23 -31.08 3.02
N ASP B 307 -10.09 -32.08 3.13
CA ASP B 307 -11.41 -32.08 2.51
C ASP B 307 -12.34 -31.23 3.36
N SER B 308 -12.73 -30.07 2.85
CA SER B 308 -13.59 -29.14 3.58
C SER B 308 -14.98 -29.71 3.88
N ALA B 309 -15.39 -30.77 3.19
CA ALA B 309 -16.67 -31.40 3.55
C ALA B 309 -16.66 -31.90 4.98
N GLN B 310 -15.48 -32.06 5.58
CA GLN B 310 -15.30 -32.52 6.95
C GLN B 310 -15.26 -31.40 7.97
N LEU B 311 -15.50 -30.14 7.55
CA LEU B 311 -15.37 -29.03 8.51
C LEU B 311 -16.34 -29.18 9.67
N ALA B 312 -17.55 -29.66 9.42
CA ALA B 312 -18.53 -29.80 10.50
C ALA B 312 -18.07 -30.82 11.55
N SER B 313 -17.66 -32.02 11.11
CA SER B 313 -17.26 -33.01 12.09
C SER B 313 -15.93 -32.65 12.76
N GLU B 314 -15.13 -31.77 12.17
CA GLU B 314 -13.87 -31.39 12.78
C GLU B 314 -13.95 -30.16 13.68
N CYS B 315 -14.97 -29.30 13.49
CA CYS B 315 -14.99 -27.97 14.10
C CYS B 315 -16.23 -27.67 14.92
N PHE B 316 -17.34 -28.39 14.70
CA PHE B 316 -18.58 -27.98 15.36
C PHE B 316 -18.68 -28.48 16.79
N GLY B 317 -17.89 -29.45 17.18
CA GLY B 317 -18.05 -30.01 18.50
C GLY B 317 -19.26 -30.92 18.54
N GLY B 318 -19.75 -31.14 19.75
CA GLY B 318 -20.95 -31.95 19.95
C GLY B 318 -20.62 -33.39 20.26
N GLU B 319 -21.67 -34.20 20.25
CA GLU B 319 -21.58 -35.57 20.71
C GLU B 319 -21.09 -36.50 19.62
N MET B 320 -20.39 -37.54 20.03
CA MET B 320 -20.03 -38.66 19.18
C MET B 320 -20.27 -39.95 19.96
N THR B 321 -20.63 -41.02 19.25
CA THR B 321 -20.97 -42.29 19.86
C THR B 321 -20.07 -43.39 19.32
N THR B 322 -19.71 -44.34 20.18
CA THR B 322 -18.95 -45.51 19.76
C THR B 322 -19.18 -46.64 20.74
N LYS B 323 -18.78 -47.84 20.31
CA LYS B 323 -19.15 -49.06 21.02
C LYS B 323 -18.22 -49.33 22.19
N THR B 324 -18.79 -49.83 23.27
CA THR B 324 -18.04 -50.43 24.38
C THR B 324 -18.61 -51.82 24.64
N TYR B 325 -17.73 -52.79 24.84
CA TYR B 325 -18.19 -54.08 25.34
C TYR B 325 -18.37 -54.03 26.85
N ASP B 326 -19.51 -54.52 27.32
CA ASP B 326 -19.91 -54.39 28.71
C ASP B 326 -19.99 -55.77 29.37
N SER B 327 -19.68 -55.84 30.67
CA SER B 327 -19.36 -57.08 31.39
C SER B 327 -20.44 -57.52 32.37
N VAL B 328 -20.92 -56.62 33.23
CA VAL B 328 -22.35 -56.63 33.52
C VAL B 328 -23.04 -56.48 32.17
N THR B 329 -23.98 -57.36 31.85
CA THR B 329 -24.36 -57.70 30.47
C THR B 329 -23.18 -58.37 29.77
N ASP B 330 -23.42 -59.09 28.68
CA ASP B 330 -22.25 -59.47 27.90
C ASP B 330 -22.45 -59.07 26.44
N LYS B 331 -22.60 -57.76 26.24
CA LYS B 331 -23.05 -57.18 24.98
C LYS B 331 -22.25 -55.93 24.65
N PHE B 332 -22.43 -55.43 23.42
CA PHE B 332 -21.72 -54.26 22.89
C PHE B 332 -22.64 -53.03 22.98
N MET B 333 -22.45 -52.22 24.02
CA MET B 333 -23.29 -51.06 24.27
C MET B 333 -22.65 -49.77 23.71
N ASP B 334 -23.41 -48.68 23.75
CA ASP B 334 -22.97 -47.40 23.21
C ASP B 334 -22.36 -46.53 24.29
N PHE B 335 -21.27 -45.87 23.92
CA PHE B 335 -20.60 -44.88 24.76
C PHE B 335 -20.65 -43.56 24.01
N SER B 336 -21.16 -42.52 24.68
CA SER B 336 -21.35 -41.23 24.06
C SER B 336 -20.45 -40.21 24.74
N PHE B 337 -19.84 -39.35 23.94
CA PHE B 337 -18.93 -38.37 24.51
C PHE B 337 -18.93 -37.14 23.63
N GLU B 338 -18.53 -36.01 24.22
CA GLU B 338 -18.43 -34.74 23.51
C GLU B 338 -17.03 -34.57 22.94
N LYS B 339 -16.97 -34.15 21.69
CA LYS B 339 -15.68 -33.91 21.04
C LYS B 339 -14.97 -32.75 21.70
N THR B 340 -13.69 -32.91 21.98
CA THR B 340 -12.89 -31.89 22.64
C THR B 340 -12.19 -30.97 21.66
N HIS B 341 -12.23 -31.31 20.37
CA HIS B 341 -11.73 -30.44 19.30
C HIS B 341 -12.89 -29.67 18.71
N SER B 342 -12.69 -28.37 18.51
CA SER B 342 -13.73 -27.51 17.97
C SER B 342 -13.13 -26.16 17.60
N ALA B 343 -13.90 -25.40 16.83
CA ALA B 343 -13.42 -24.11 16.35
C ALA B 343 -13.06 -23.20 17.53
N TYR B 344 -11.94 -22.53 17.41
CA TYR B 344 -11.51 -21.52 18.37
C TYR B 344 -11.53 -20.13 17.76
N MET B 345 -11.09 -20.01 16.51
CA MET B 345 -11.13 -18.73 15.82
C MET B 345 -11.62 -18.97 14.41
N LEU B 346 -12.44 -18.05 13.90
CA LEU B 346 -13.00 -18.15 12.57
C LEU B 346 -12.54 -16.95 11.77
N PHE B 347 -12.11 -17.18 10.54
CA PHE B 347 -11.70 -16.11 9.64
C PHE B 347 -12.56 -16.14 8.39
N TYR B 348 -13.15 -14.99 8.06
CA TYR B 348 -14.07 -14.82 6.93
C TYR B 348 -13.55 -13.68 6.05
N LYS B 349 -13.67 -13.82 4.73
CA LYS B 349 -13.17 -12.80 3.78
C LYS B 349 -14.35 -12.15 3.06
N ARG B 350 -14.33 -10.82 3.01
CA ARG B 350 -15.42 -10.06 2.40
C ARG B 350 -15.54 -10.38 0.91
N MET B 351 -16.76 -10.64 0.46
CA MET B 351 -17.02 -10.93 -0.97
C MET B 351 -16.88 -9.62 -1.74
N GLU B 352 -16.09 -9.56 -2.81
CA GLU B 352 -15.93 -8.23 -3.46
C GLU B 352 -16.42 -8.16 -4.91
N PRO B 353 -15.72 -7.49 -5.85
CA PRO B 353 -16.18 -7.10 -7.19
C PRO B 353 -17.69 -7.15 -7.47
N ARG B 359 -6.31 -13.66 -3.39
CA ARG B 359 -6.70 -12.52 -4.22
C ARG B 359 -5.50 -11.84 -4.84
N GLU B 360 -4.42 -11.68 -4.08
CA GLU B 360 -3.21 -11.08 -4.62
C GLU B 360 -2.36 -12.14 -5.29
N TYR B 361 -1.75 -11.77 -6.41
CA TYR B 361 -1.05 -12.71 -7.26
C TYR B 361 0.46 -12.54 -7.25
N LYS B 362 0.96 -11.30 -7.24
CA LYS B 362 2.40 -11.03 -7.28
C LYS B 362 2.82 -10.45 -5.94
N PHE B 363 3.70 -11.16 -5.25
CA PHE B 363 4.26 -10.68 -3.99
C PHE B 363 5.64 -10.09 -4.25
N ASP B 364 5.89 -8.95 -3.61
CA ASP B 364 7.12 -8.18 -3.83
C ASP B 364 8.09 -8.40 -2.67
N VAL B 365 8.65 -9.60 -2.61
CA VAL B 365 9.74 -9.86 -1.67
C VAL B 365 10.97 -9.10 -2.15
N SER B 366 11.61 -8.38 -1.24
CA SER B 366 12.82 -7.65 -1.62
C SER B 366 13.85 -8.62 -2.22
N SER B 367 14.62 -8.12 -3.18
CA SER B 367 15.60 -9.00 -3.83
C SER B 367 16.62 -9.52 -2.83
N GLU B 368 16.88 -8.78 -1.76
CA GLU B 368 17.84 -9.22 -0.77
C GLU B 368 17.31 -10.41 0.02
N LEU B 369 16.00 -10.43 0.30
CA LEU B 369 15.44 -11.60 0.97
C LEU B 369 15.37 -12.80 0.01
N LEU B 370 15.04 -12.56 -1.26
CA LEU B 370 15.02 -13.66 -2.22
C LEU B 370 16.41 -14.29 -2.38
N GLU B 371 17.47 -13.49 -2.42
CA GLU B 371 18.79 -14.10 -2.48
C GLU B 371 19.17 -14.74 -1.13
N TRP B 372 18.57 -14.28 -0.03
CA TRP B 372 18.84 -14.90 1.26
C TRP B 372 18.23 -16.30 1.34
N ILE B 373 17.05 -16.48 0.77
CA ILE B 373 16.41 -17.80 0.80
C ILE B 373 17.00 -18.73 -0.25
N TRP B 374 17.46 -18.19 -1.39
CA TRP B 374 18.00 -19.07 -2.41
C TRP B 374 19.38 -19.60 -2.02
N HIS B 375 20.20 -18.77 -1.37
CA HIS B 375 21.45 -19.27 -0.81
C HIS B 375 21.22 -20.07 0.46
N ASP B 376 19.97 -20.18 0.90
CA ASP B 376 19.58 -21.13 1.94
C ASP B 376 19.05 -22.43 1.37
N ASN B 377 18.39 -22.38 0.20
CA ASN B 377 17.87 -23.60 -0.40
C ASN B 377 19.01 -24.54 -0.81
N MET B 378 20.11 -23.99 -1.34
CA MET B 378 21.27 -24.81 -1.65
C MET B 378 22.41 -24.58 -0.64
#